data_5T0W
#
_entry.id   5T0W
#
_cell.length_a   47.030
_cell.length_b   68.880
_cell.length_c   318.630
_cell.angle_alpha   90.00
_cell.angle_beta   90.00
_cell.angle_gamma   90.00
#
_symmetry.space_group_name_H-M   'P 21 21 21'
#
loop_
_entity.id
_entity.type
_entity.pdbx_description
1 polymer AncCDT-1
2 non-polymer ARGININE
3 water water
#
_entity_poly.entity_id   1
_entity_poly.type   'polypeptide(L)'
_entity_poly.pdbx_seq_one_letter_code
;MRGSHHHHHHIAASTLDEIMKRGTLRVGTDADYKPFSFKDKNGQYTGFDIDLAKALAKELGVKVEFVPTTWDGIIPALQT
GKFDIVMSGMTITPERKKKVDFSDPYMTAGQTILVKKDNADKIKSFEDLNKPDVKVAVQLGTTSEQAAKEFLPKAKIRTF
ENNAEAFQEVVSGRADAMVTDSPVAAYYAKKNPGLAVVVVDEPFTHEPLGFAIRKGDPELLNWVNNWLKQMKKDGTYDKL
YEKWFKL
;
_entity_poly.pdbx_strand_id   A,B,C,D
#
# COMPACT_ATOMS: atom_id res chain seq x y z
N SER A 14 22.48 28.37 -45.82
CA SER A 14 21.03 28.22 -45.48
C SER A 14 20.62 26.75 -45.44
N THR A 15 19.78 26.41 -44.49
CA THR A 15 19.25 25.07 -44.40
C THR A 15 18.51 24.70 -45.68
N LEU A 16 17.91 25.68 -46.34
CA LEU A 16 17.22 25.43 -47.59
C LEU A 16 18.16 24.75 -48.58
N ASP A 17 19.38 25.29 -48.70
CA ASP A 17 20.35 24.72 -49.61
C ASP A 17 20.68 23.30 -49.12
N GLU A 18 20.95 23.18 -47.83
CA GLU A 18 21.26 21.88 -47.22
C GLU A 18 20.17 20.85 -47.50
N ILE A 19 18.91 21.28 -47.35
CA ILE A 19 17.77 20.41 -47.63
C ILE A 19 17.80 19.88 -49.06
N MET A 20 17.88 20.80 -50.02
CA MET A 20 17.79 20.43 -51.42
C MET A 20 18.98 19.60 -51.92
N LYS A 21 20.18 19.91 -51.43
CA LYS A 21 21.38 19.11 -51.72
C LYS A 21 21.22 17.68 -51.22
N ARG A 22 20.86 17.57 -49.96
CA ARG A 22 20.70 16.27 -49.31
C ARG A 22 19.55 15.44 -49.90
N GLY A 23 18.51 16.11 -50.39
CA GLY A 23 17.40 15.44 -51.07
C GLY A 23 16.24 15.06 -50.16
N THR A 24 16.31 15.46 -48.89
CA THR A 24 15.33 15.06 -47.87
C THR A 24 15.01 16.22 -46.94
N LEU A 25 13.74 16.31 -46.53
CA LEU A 25 13.33 17.28 -45.52
C LEU A 25 13.19 16.57 -44.19
N ARG A 26 13.91 17.05 -43.18
CA ARG A 26 13.92 16.40 -41.88
C ARG A 26 13.00 17.16 -40.95
N VAL A 27 11.92 16.51 -40.54
CA VAL A 27 10.90 17.13 -39.72
C VAL A 27 10.91 16.60 -38.31
N GLY A 28 11.31 17.45 -37.38
CA GLY A 28 11.24 17.14 -35.96
C GLY A 28 9.81 17.11 -35.45
N THR A 29 9.40 15.98 -34.89
CA THR A 29 8.03 15.82 -34.38
C THR A 29 7.99 14.90 -33.11
N ASP A 30 7.08 15.14 -32.15
CA ASP A 30 6.90 14.33 -30.94
C ASP A 30 5.62 13.58 -31.21
N ALA A 31 5.79 12.35 -31.68
CA ALA A 31 4.75 11.69 -32.46
C ALA A 31 3.69 10.83 -31.68
N ASP A 32 3.45 11.23 -30.43
CA ASP A 32 2.24 10.80 -29.72
C ASP A 32 1.46 12.03 -29.35
N TYR A 33 0.78 12.59 -30.34
CA TYR A 33 0.08 13.85 -30.13
C TYR A 33 -1.05 13.98 -31.14
N LYS A 34 -2.03 13.10 -31.01
CA LYS A 34 -3.16 13.06 -31.93
C LYS A 34 -3.96 14.26 -31.67
N PRO A 35 -4.53 14.86 -32.71
CA PRO A 35 -4.45 14.48 -34.12
C PRO A 35 -3.33 15.18 -34.93
N PHE A 36 -2.30 15.71 -34.28
CA PHE A 36 -1.25 16.46 -34.99
C PHE A 36 -0.18 15.55 -35.56
N SER A 37 0.39 14.69 -34.72
CA SER A 37 1.29 13.65 -35.22
C SER A 37 1.30 12.43 -34.32
N PHE A 38 1.14 11.27 -34.94
CA PHE A 38 1.06 10.04 -34.20
C PHE A 38 1.34 8.86 -35.13
N LYS A 39 1.28 7.69 -34.53
CA LYS A 39 1.37 6.45 -35.25
C LYS A 39 -0.03 5.94 -35.46
N ASP A 40 -0.31 5.46 -36.68
CA ASP A 40 -1.53 4.68 -36.93
C ASP A 40 -1.31 3.23 -36.45
N LYS A 41 -2.33 2.41 -36.65
CA LYS A 41 -2.29 0.97 -36.32
C LYS A 41 -1.06 0.20 -36.86
N ASN A 42 -0.53 0.61 -38.01
CA ASN A 42 0.70 -0.01 -38.56
C ASN A 42 2.01 0.72 -38.15
N GLY A 43 1.96 1.50 -37.08
CA GLY A 43 3.12 2.30 -36.66
C GLY A 43 3.62 3.30 -37.69
N GLN A 44 2.74 3.74 -38.59
CA GLN A 44 3.10 4.76 -39.59
C GLN A 44 2.72 6.17 -39.13
N TYR A 45 3.46 7.16 -39.63
CA TYR A 45 3.32 8.52 -39.19
C TYR A 45 2.07 9.07 -39.85
N THR A 46 1.26 9.75 -39.05
CA THR A 46 0.00 10.22 -39.54
C THR A 46 -0.50 11.40 -38.69
N GLY A 47 -1.29 12.26 -39.30
CA GLY A 47 -1.78 13.45 -38.61
C GLY A 47 -1.75 14.68 -39.49
N PHE A 48 -2.27 15.78 -38.95
CA PHE A 48 -2.30 17.09 -39.59
C PHE A 48 -0.90 17.59 -39.88
N ASP A 49 -0.03 17.56 -38.87
CA ASP A 49 1.33 18.01 -39.07
C ASP A 49 2.08 17.14 -40.07
N ILE A 50 1.71 15.86 -40.13
CA ILE A 50 2.38 14.91 -41.01
C ILE A 50 1.96 15.21 -42.43
N ASP A 51 0.67 15.39 -42.66
CA ASP A 51 0.22 15.73 -44.01
C ASP A 51 0.81 17.05 -44.49
N LEU A 52 0.85 18.03 -43.60
CA LEU A 52 1.45 19.30 -43.94
C LEU A 52 2.92 19.11 -44.27
N ALA A 53 3.65 18.41 -43.40
CA ALA A 53 5.05 18.08 -43.67
C ALA A 53 5.21 17.46 -45.06
N LYS A 54 4.34 16.53 -45.41
CA LYS A 54 4.37 15.91 -46.72
C LYS A 54 4.19 16.94 -47.81
N ALA A 55 3.23 17.84 -47.62
CA ALA A 55 2.93 18.86 -48.64
C ALA A 55 4.15 19.75 -48.85
N LEU A 56 4.77 20.17 -47.75
CA LEU A 56 5.97 21.00 -47.82
C LEU A 56 7.11 20.30 -48.56
N ALA A 57 7.36 19.05 -48.20
CA ALA A 57 8.35 18.25 -48.91
C ALA A 57 8.08 18.21 -50.42
N LYS A 58 6.87 17.87 -50.83
CA LYS A 58 6.50 17.94 -52.26
C LYS A 58 6.87 19.29 -52.89
N GLU A 59 6.40 20.39 -52.29
CA GLU A 59 6.75 21.75 -52.71
C GLU A 59 8.26 21.90 -52.92
N LEU A 60 9.02 21.36 -51.98
CA LEU A 60 10.49 21.44 -51.97
C LEU A 60 11.15 20.53 -53.02
N GLY A 61 10.38 19.65 -53.64
CA GLY A 61 10.94 18.61 -54.51
C GLY A 61 11.80 17.56 -53.80
N VAL A 62 11.46 17.22 -52.56
CA VAL A 62 12.25 16.25 -51.79
C VAL A 62 11.39 15.27 -51.01
N LYS A 63 12.06 14.23 -50.49
CA LYS A 63 11.42 13.26 -49.62
C LYS A 63 11.35 13.81 -48.22
N VAL A 64 10.48 13.20 -47.43
CA VAL A 64 10.32 13.52 -46.01
C VAL A 64 10.92 12.46 -45.09
N GLU A 65 11.59 12.89 -44.05
CA GLU A 65 11.98 12.02 -42.99
C GLU A 65 11.54 12.63 -41.66
N PHE A 66 10.88 11.84 -40.83
CA PHE A 66 10.42 12.32 -39.52
C PHE A 66 11.39 11.90 -38.44
N VAL A 67 11.72 12.83 -37.56
CA VAL A 67 12.71 12.61 -36.52
C VAL A 67 11.99 12.64 -35.18
N PRO A 68 11.72 11.46 -34.62
CA PRO A 68 10.94 11.44 -33.38
C PRO A 68 11.78 12.14 -32.33
N THR A 69 11.15 13.02 -31.54
CA THR A 69 11.86 13.83 -30.57
C THR A 69 11.00 14.04 -29.37
N THR A 70 11.61 14.01 -28.20
CA THR A 70 10.89 14.28 -26.94
C THR A 70 10.49 15.75 -26.92
N TRP A 71 9.25 16.05 -26.59
CA TRP A 71 8.78 17.44 -26.61
C TRP A 71 9.69 18.43 -25.85
N ASP A 72 10.08 18.08 -24.65
CA ASP A 72 10.82 18.99 -23.79
C ASP A 72 12.10 19.51 -24.42
N GLY A 73 12.82 18.63 -25.14
CA GLY A 73 14.07 18.99 -25.79
C GLY A 73 13.94 19.28 -27.28
N ILE A 74 12.72 19.55 -27.74
CA ILE A 74 12.50 19.68 -29.16
C ILE A 74 13.14 20.95 -29.74
N ILE A 75 13.13 22.04 -28.99
CA ILE A 75 13.80 23.25 -29.42
C ILE A 75 15.33 23.11 -29.40
N PRO A 76 15.89 22.55 -28.32
CA PRO A 76 17.35 22.29 -28.40
C PRO A 76 17.76 21.37 -29.55
N ALA A 77 16.93 20.38 -29.86
CA ALA A 77 17.22 19.46 -30.94
C ALA A 77 17.25 20.24 -32.26
N LEU A 78 16.34 21.19 -32.40
CA LEU A 78 16.25 21.99 -33.60
C LEU A 78 17.47 22.88 -33.70
N GLN A 79 17.77 23.60 -32.60
CA GLN A 79 18.91 24.51 -32.58
C GLN A 79 20.25 23.83 -32.83
N THR A 80 20.38 22.54 -32.51
CA THR A 80 21.65 21.82 -32.72
C THR A 80 21.59 20.97 -33.98
N GLY A 81 20.65 21.26 -34.86
CA GLY A 81 20.63 20.66 -36.17
C GLY A 81 20.25 19.21 -36.26
N LYS A 82 19.43 18.72 -35.33
CA LYS A 82 18.94 17.34 -35.44
C LYS A 82 17.89 17.18 -36.52
N PHE A 83 17.27 18.29 -36.92
CA PHE A 83 16.36 18.29 -38.02
C PHE A 83 16.20 19.74 -38.49
N ASP A 84 15.46 19.93 -39.58
CA ASP A 84 15.33 21.27 -40.16
C ASP A 84 14.18 22.09 -39.67
N ILE A 85 13.11 21.46 -39.23
CA ILE A 85 11.88 22.19 -38.94
C ILE A 85 11.01 21.45 -37.94
N VAL A 86 10.39 22.18 -37.03
CA VAL A 86 9.46 21.57 -36.04
C VAL A 86 8.02 21.65 -36.59
N MET A 87 7.38 20.50 -36.76
CA MET A 87 5.97 20.47 -37.13
C MET A 87 5.26 19.53 -36.15
N SER A 88 4.80 20.10 -35.04
CA SER A 88 4.47 19.30 -33.86
C SER A 88 3.53 20.01 -32.91
N GLY A 89 2.55 20.68 -33.50
CA GLY A 89 1.52 21.38 -32.74
C GLY A 89 2.07 22.47 -31.85
N MET A 90 3.10 23.16 -32.34
CA MET A 90 3.80 24.11 -31.51
C MET A 90 3.17 25.51 -31.47
N THR A 91 2.75 25.90 -30.28
CA THR A 91 2.24 27.23 -30.04
C THR A 91 3.37 28.26 -30.17
N ILE A 92 3.07 29.40 -30.81
CA ILE A 92 3.98 30.55 -30.91
C ILE A 92 3.88 31.34 -29.62
N THR A 93 5.00 31.48 -28.92
CA THR A 93 5.03 32.28 -27.72
C THR A 93 6.19 33.25 -27.74
N PRO A 94 6.09 34.34 -26.97
CA PRO A 94 7.19 35.32 -26.92
C PRO A 94 8.49 34.66 -26.48
N GLU A 95 8.43 33.89 -25.40
CA GLU A 95 9.62 33.23 -24.86
C GLU A 95 10.31 32.36 -25.92
N ARG A 96 9.52 31.60 -26.68
CA ARG A 96 10.04 30.72 -27.75
C ARG A 96 10.53 31.49 -28.98
N LYS A 97 9.88 32.60 -29.31
CA LYS A 97 10.32 33.52 -30.39
C LYS A 97 11.77 34.03 -30.21
N LYS A 98 12.19 34.15 -28.96
CA LYS A 98 13.57 34.52 -28.65
C LYS A 98 14.57 33.45 -29.00
N LYS A 99 14.14 32.21 -29.14
CA LYS A 99 15.05 31.11 -29.41
C LYS A 99 15.00 30.63 -30.86
N VAL A 100 13.83 30.69 -31.47
CA VAL A 100 13.65 30.22 -32.85
C VAL A 100 12.72 31.15 -33.58
N ASP A 101 12.65 30.97 -34.89
CA ASP A 101 11.73 31.72 -35.72
C ASP A 101 10.53 30.85 -36.02
N PHE A 102 9.35 31.46 -36.03
CA PHE A 102 8.12 30.78 -36.39
C PHE A 102 7.58 31.22 -37.74
N SER A 103 7.00 30.27 -38.45
CA SER A 103 6.23 30.55 -39.63
C SER A 103 5.01 31.38 -39.24
N ASP A 104 4.28 31.80 -40.25
CA ASP A 104 2.97 32.38 -40.01
C ASP A 104 2.04 31.32 -39.38
N PRO A 105 0.99 31.75 -38.67
CA PRO A 105 0.12 30.79 -37.96
C PRO A 105 -0.45 29.77 -38.88
N TYR A 106 -0.41 28.49 -38.52
CA TYR A 106 -1.03 27.47 -39.36
C TYR A 106 -2.33 26.88 -38.75
N MET A 107 -2.78 27.44 -37.62
CA MET A 107 -3.79 26.80 -36.75
C MET A 107 -3.96 27.65 -35.49
N THR A 108 -5.06 27.46 -34.76
CA THR A 108 -5.22 28.01 -33.41
C THR A 108 -5.74 26.97 -32.42
N ALA A 109 -5.27 27.05 -31.15
CA ALA A 109 -5.66 26.13 -30.06
C ALA A 109 -5.77 26.88 -28.75
N GLY A 110 -6.83 26.56 -28.00
CA GLY A 110 -7.01 27.04 -26.65
C GLY A 110 -6.68 25.91 -25.70
N GLN A 111 -6.69 26.23 -24.40
CA GLN A 111 -6.37 25.27 -23.36
C GLN A 111 -7.69 24.72 -22.93
N THR A 112 -7.75 23.40 -22.80
CA THR A 112 -8.94 22.70 -22.29
C THR A 112 -8.60 21.78 -21.11
N ILE A 113 -9.54 21.67 -20.18
CA ILE A 113 -9.43 20.80 -19.01
C ILE A 113 -10.22 19.54 -19.26
N LEU A 114 -9.62 18.41 -18.93
CA LEU A 114 -10.24 17.11 -19.07
C LEU A 114 -10.38 16.51 -17.69
N VAL A 115 -11.56 15.95 -17.39
CA VAL A 115 -11.82 15.26 -16.12
C VAL A 115 -12.62 13.96 -16.29
N LYS A 116 -12.68 13.14 -15.24
CA LYS A 116 -13.47 11.92 -15.27
C LYS A 116 -14.94 12.34 -15.31
N LYS A 117 -15.75 11.62 -16.10
CA LYS A 117 -17.19 11.92 -16.18
C LYS A 117 -17.80 12.04 -14.79
N ASP A 118 -17.46 11.11 -13.87
CA ASP A 118 -17.93 11.19 -12.45
C ASP A 118 -17.67 12.56 -11.86
N ASN A 119 -16.40 12.97 -11.88
CA ASN A 119 -15.96 14.20 -11.21
C ASN A 119 -16.24 15.49 -12.01
N ALA A 120 -17.10 15.40 -13.03
CA ALA A 120 -17.52 16.58 -13.83
C ALA A 120 -18.40 17.55 -13.03
N ASP A 121 -19.04 17.03 -11.98
CA ASP A 121 -19.80 17.86 -11.08
C ASP A 121 -18.95 18.89 -10.32
N LYS A 122 -17.78 18.50 -9.83
CA LYS A 122 -17.02 19.37 -8.93
C LYS A 122 -16.34 20.60 -9.61
N ILE A 123 -16.36 20.69 -10.93
CA ILE A 123 -15.41 21.56 -11.67
C ILE A 123 -16.01 22.48 -12.75
N LYS A 124 -16.33 23.71 -12.35
CA LYS A 124 -16.91 24.68 -13.27
C LYS A 124 -15.84 25.26 -14.21
N SER A 125 -14.67 25.61 -13.68
CA SER A 125 -13.65 26.37 -14.42
C SER A 125 -12.22 26.11 -13.93
N PHE A 126 -11.25 26.83 -14.51
CA PHE A 126 -9.86 26.81 -14.08
C PHE A 126 -9.75 27.13 -12.59
N GLU A 127 -10.42 28.18 -12.15
CA GLU A 127 -10.40 28.57 -10.76
C GLU A 127 -10.72 27.41 -9.81
N ASP A 128 -11.66 26.56 -10.20
CA ASP A 128 -12.07 25.44 -9.35
C ASP A 128 -10.95 24.40 -9.15
N LEU A 129 -9.93 24.44 -10.00
CA LEU A 129 -8.78 23.56 -9.89
C LEU A 129 -7.64 24.14 -9.05
N ASN A 130 -7.73 25.42 -8.71
CA ASN A 130 -6.70 26.10 -7.94
C ASN A 130 -6.89 25.93 -6.42
N LYS A 131 -7.11 24.69 -6.01
CA LYS A 131 -7.17 24.29 -4.61
C LYS A 131 -5.98 23.44 -4.26
N PRO A 132 -5.64 23.30 -2.97
CA PRO A 132 -4.39 22.59 -2.64
C PRO A 132 -4.47 21.06 -2.69
N ASP A 133 -5.69 20.52 -2.66
CA ASP A 133 -5.92 19.08 -2.73
C ASP A 133 -6.03 18.55 -4.17
N VAL A 134 -6.10 19.47 -5.13
CA VAL A 134 -6.22 19.13 -6.54
C VAL A 134 -4.88 18.80 -7.21
N LYS A 135 -4.82 17.63 -7.86
CA LYS A 135 -3.66 17.22 -8.67
C LYS A 135 -4.03 17.33 -10.14
N VAL A 136 -3.22 18.04 -10.90
CA VAL A 136 -3.43 18.21 -12.33
C VAL A 136 -2.25 17.76 -13.15
N ALA A 137 -2.51 17.01 -14.23
CA ALA A 137 -1.47 16.45 -15.08
C ALA A 137 -1.33 17.23 -16.37
N VAL A 138 -0.10 17.35 -16.85
CA VAL A 138 0.21 18.04 -18.08
C VAL A 138 1.43 17.45 -18.72
N GLN A 139 1.61 17.73 -20.01
CA GLN A 139 2.83 17.35 -20.68
C GLN A 139 3.97 18.30 -20.35
N LEU A 140 5.12 17.77 -19.99
CA LEU A 140 6.27 18.58 -19.59
C LEU A 140 6.75 19.46 -20.73
N GLY A 141 7.00 20.73 -20.42
CA GLY A 141 7.46 21.70 -21.42
C GLY A 141 6.43 22.23 -22.42
N THR A 142 5.14 22.21 -22.07
CA THR A 142 4.10 22.68 -22.92
C THR A 142 3.45 23.94 -22.39
N THR A 143 2.65 24.60 -23.23
CA THR A 143 1.92 25.79 -22.81
C THR A 143 0.85 25.44 -21.75
N SER A 144 0.41 24.19 -21.72
CA SER A 144 -0.50 23.76 -20.70
C SER A 144 0.20 23.75 -19.34
N GLU A 145 1.47 23.31 -19.30
CA GLU A 145 2.24 23.36 -18.05
C GLU A 145 2.30 24.78 -17.56
N GLN A 146 2.65 25.69 -18.48
CA GLN A 146 2.81 27.07 -18.14
C GLN A 146 1.46 27.60 -17.63
N ALA A 147 0.38 27.27 -18.32
CA ALA A 147 -0.92 27.82 -17.97
C ALA A 147 -1.30 27.36 -16.59
N ALA A 148 -1.05 26.09 -16.29
CA ALA A 148 -1.36 25.56 -14.98
C ALA A 148 -0.50 26.16 -13.89
N LYS A 149 0.78 26.34 -14.18
CA LYS A 149 1.67 26.82 -13.14
C LYS A 149 1.38 28.28 -12.76
N GLU A 150 1.03 29.09 -13.75
CA GLU A 150 0.67 30.47 -13.55
C GLU A 150 -0.72 30.58 -12.88
N PHE A 151 -1.72 29.86 -13.41
CA PHE A 151 -3.13 30.09 -13.03
C PHE A 151 -3.70 29.10 -12.02
N LEU A 152 -2.88 28.14 -11.60
CA LEU A 152 -3.28 27.15 -10.57
C LEU A 152 -2.15 26.92 -9.58
N PRO A 153 -1.68 27.98 -8.91
CA PRO A 153 -0.43 27.88 -8.14
C PRO A 153 -0.62 27.15 -6.83
N LYS A 154 -1.85 27.14 -6.30
CA LYS A 154 -2.15 26.30 -5.14
C LYS A 154 -2.18 24.78 -5.45
N ALA A 155 -2.41 24.40 -6.70
CA ALA A 155 -2.60 22.98 -7.02
C ALA A 155 -1.28 22.26 -7.09
N LYS A 156 -1.36 20.93 -7.14
CA LYS A 156 -0.19 20.10 -7.39
C LYS A 156 -0.11 19.76 -8.89
N ILE A 157 0.88 20.31 -9.56
CA ILE A 157 1.10 20.02 -10.95
C ILE A 157 2.05 18.82 -11.09
N ARG A 158 1.62 17.81 -11.84
CA ARG A 158 2.44 16.65 -12.14
C ARG A 158 2.67 16.59 -13.66
N THR A 159 3.93 16.44 -14.05
CA THR A 159 4.32 16.54 -15.43
C THR A 159 4.67 15.19 -15.99
N PHE A 160 4.52 15.05 -17.29
CA PHE A 160 4.76 13.78 -17.97
C PHE A 160 5.43 14.02 -19.33
N GLU A 161 6.31 13.11 -19.72
CA GLU A 161 7.02 13.20 -20.97
C GLU A 161 6.06 13.16 -22.15
N ASN A 162 5.01 12.35 -22.02
CA ASN A 162 4.03 12.16 -23.09
C ASN A 162 2.66 12.51 -22.63
N ASN A 163 1.78 12.88 -23.54
CA ASN A 163 0.39 13.12 -23.15
C ASN A 163 -0.32 11.86 -22.73
N ALA A 164 0.06 10.72 -23.32
CA ALA A 164 -0.67 9.46 -23.05
C ALA A 164 -0.63 9.11 -21.55
N GLU A 165 0.55 9.26 -20.93
CA GLU A 165 0.66 9.08 -19.50
C GLU A 165 -0.21 10.04 -18.67
N ALA A 166 -0.28 11.31 -19.10
CA ALA A 166 -1.11 12.28 -18.43
C ALA A 166 -2.54 11.87 -18.51
N PHE A 167 -2.95 11.46 -19.70
CA PHE A 167 -4.28 10.87 -19.89
C PHE A 167 -4.49 9.72 -18.92
N GLN A 168 -3.51 8.81 -18.87
CA GLN A 168 -3.59 7.67 -17.96
C GLN A 168 -3.69 8.09 -16.47
N GLU A 169 -2.96 9.13 -16.06
CA GLU A 169 -3.05 9.64 -14.69
C GLU A 169 -4.42 10.11 -14.28
N VAL A 170 -5.11 10.78 -15.19
CA VAL A 170 -6.45 11.23 -14.84
C VAL A 170 -7.46 10.08 -14.85
N VAL A 171 -7.30 9.14 -15.78
CA VAL A 171 -8.23 7.98 -15.78
C VAL A 171 -8.06 7.11 -14.55
N SER A 172 -6.81 6.91 -14.15
CA SER A 172 -6.50 6.05 -13.02
C SER A 172 -6.92 6.67 -11.70
N GLY A 173 -7.25 7.95 -11.70
CA GLY A 173 -7.61 8.67 -10.49
C GLY A 173 -6.44 9.34 -9.79
N ARG A 174 -5.21 9.15 -10.30
CA ARG A 174 -4.04 9.74 -9.65
C ARG A 174 -3.96 11.24 -9.86
N ALA A 175 -4.76 11.74 -10.80
CA ALA A 175 -4.88 13.15 -11.00
C ALA A 175 -6.33 13.46 -11.17
N ASP A 176 -6.69 14.67 -10.79
CA ASP A 176 -8.09 15.06 -10.84
C ASP A 176 -8.45 15.60 -12.20
N ALA A 177 -7.46 16.12 -12.92
CA ALA A 177 -7.66 16.68 -14.22
C ALA A 177 -6.38 16.69 -15.01
N MET A 178 -6.51 16.90 -16.32
CA MET A 178 -5.38 17.23 -17.16
C MET A 178 -5.74 18.41 -18.05
N VAL A 179 -4.74 19.21 -18.38
CA VAL A 179 -4.92 20.33 -19.26
C VAL A 179 -4.13 20.00 -20.51
N THR A 180 -4.68 20.35 -21.65
CA THR A 180 -4.02 20.11 -22.92
C THR A 180 -4.65 21.03 -23.98
N ASP A 181 -4.10 21.06 -25.20
CA ASP A 181 -4.67 21.86 -26.28
C ASP A 181 -6.08 21.40 -26.58
N SER A 182 -6.98 22.35 -26.89
CA SER A 182 -8.39 21.98 -27.16
C SER A 182 -8.55 20.83 -28.13
N PRO A 183 -7.87 20.86 -29.27
CA PRO A 183 -8.12 19.78 -30.24
C PRO A 183 -7.64 18.43 -29.77
N VAL A 184 -6.64 18.42 -28.88
CA VAL A 184 -6.17 17.14 -28.31
C VAL A 184 -7.18 16.64 -27.28
N ALA A 185 -7.68 17.55 -26.45
CA ALA A 185 -8.68 17.23 -25.44
C ALA A 185 -9.91 16.64 -26.07
N ALA A 186 -10.34 17.24 -27.18
CA ALA A 186 -11.50 16.75 -27.88
C ALA A 186 -11.25 15.34 -28.38
N TYR A 187 -10.10 15.15 -29.01
CA TYR A 187 -9.74 13.84 -29.55
C TYR A 187 -9.71 12.76 -28.45
N TYR A 188 -9.12 13.06 -27.29
CA TYR A 188 -9.17 12.14 -26.15
C TYR A 188 -10.59 11.87 -25.60
N ALA A 189 -11.50 12.82 -25.75
CA ALA A 189 -12.87 12.59 -25.29
C ALA A 189 -13.64 11.58 -26.17
N LYS A 190 -13.30 11.45 -27.45
CA LYS A 190 -13.79 10.38 -28.34
C LYS A 190 -13.73 10.75 -29.82
N LEU A 195 -13.17 8.34 -26.09
CA LEU A 195 -12.66 7.39 -25.12
C LEU A 195 -13.26 7.64 -23.72
N ALA A 196 -14.58 7.58 -23.70
CA ALA A 196 -15.52 8.10 -22.66
C ALA A 196 -15.03 8.75 -21.31
N VAL A 197 -14.07 9.69 -21.35
CA VAL A 197 -13.89 10.78 -20.29
C VAL A 197 -14.66 12.08 -20.69
N VAL A 198 -14.43 13.23 -20.01
CA VAL A 198 -15.18 14.51 -20.25
C VAL A 198 -14.40 15.85 -20.32
N VAL A 199 -14.82 16.74 -21.23
CA VAL A 199 -14.22 18.10 -21.41
C VAL A 199 -15.00 19.20 -20.67
N VAL A 200 -14.25 20.16 -20.10
CA VAL A 200 -14.72 21.43 -19.50
C VAL A 200 -13.93 22.50 -20.16
N ASP A 201 -14.61 23.55 -20.64
CA ASP A 201 -13.91 24.52 -21.50
C ASP A 201 -13.36 25.78 -20.81
N GLU A 202 -12.21 26.22 -21.29
CA GLU A 202 -11.52 27.37 -20.73
C GLU A 202 -11.70 28.58 -21.63
N PRO A 203 -12.54 29.56 -21.19
CA PRO A 203 -12.48 30.88 -21.80
C PRO A 203 -11.45 31.72 -21.02
N PHE A 204 -10.33 32.00 -21.68
CA PHE A 204 -9.27 32.87 -21.17
C PHE A 204 -8.25 33.25 -22.26
N THR A 205 -7.90 32.28 -23.15
CA THR A 205 -6.92 32.52 -24.24
C THR A 205 -6.65 31.49 -25.40
N HIS A 206 -6.88 31.89 -26.68
CA HIS A 206 -6.47 31.10 -27.86
C HIS A 206 -5.15 31.59 -28.33
N GLU A 207 -4.41 30.72 -28.99
CA GLU A 207 -3.09 31.11 -29.49
C GLU A 207 -2.74 30.41 -30.81
N PRO A 208 -2.00 31.09 -31.71
CA PRO A 208 -1.59 30.51 -32.98
C PRO A 208 -0.52 29.44 -32.80
N LEU A 209 -0.61 28.39 -33.59
CA LEU A 209 0.48 27.42 -33.73
C LEU A 209 1.29 27.82 -34.93
N GLY A 210 2.57 27.50 -34.92
CA GLY A 210 3.44 27.67 -36.08
C GLY A 210 4.44 26.54 -36.22
N PHE A 211 5.15 26.52 -37.34
CA PHE A 211 6.34 25.69 -37.53
C PHE A 211 7.60 26.46 -37.21
N ALA A 212 8.49 25.83 -36.44
CA ALA A 212 9.71 26.51 -35.95
C ALA A 212 10.91 26.18 -36.81
N ILE A 213 11.77 27.16 -37.04
CA ILE A 213 13.07 26.91 -37.63
C ILE A 213 14.14 27.72 -36.90
N ARG A 214 15.40 27.33 -37.06
CA ARG A 214 16.50 28.09 -36.50
C ARG A 214 16.51 29.52 -37.03
N LYS A 215 16.94 30.44 -36.18
CA LYS A 215 17.21 31.84 -36.56
C LYS A 215 18.28 31.89 -37.68
N GLY A 216 18.30 33.01 -38.39
CA GLY A 216 19.31 33.24 -39.41
C GLY A 216 19.15 32.43 -40.68
N ASP A 217 17.90 32.19 -41.08
CA ASP A 217 17.61 31.39 -42.26
C ASP A 217 16.37 31.88 -42.95
N PRO A 218 16.37 33.16 -43.35
CA PRO A 218 15.15 33.74 -43.94
C PRO A 218 14.71 33.11 -45.26
N GLU A 219 15.63 32.50 -45.98
CA GLU A 219 15.28 31.78 -47.23
C GLU A 219 14.26 30.68 -46.92
N LEU A 220 14.59 29.86 -45.92
CA LEU A 220 13.70 28.77 -45.50
C LEU A 220 12.41 29.28 -44.92
N LEU A 221 12.51 30.31 -44.09
CA LEU A 221 11.32 30.93 -43.50
C LEU A 221 10.36 31.47 -44.55
N ASN A 222 10.91 32.22 -45.51
CA ASN A 222 10.11 32.77 -46.61
C ASN A 222 9.48 31.66 -47.43
N TRP A 223 10.24 30.59 -47.65
CA TRP A 223 9.77 29.46 -48.44
C TRP A 223 8.57 28.82 -47.76
N VAL A 224 8.75 28.50 -46.48
CA VAL A 224 7.65 27.96 -45.68
C VAL A 224 6.44 28.89 -45.74
N ASN A 225 6.63 30.18 -45.48
CA ASN A 225 5.51 31.09 -45.49
C ASN A 225 4.86 31.15 -46.86
N ASN A 226 5.66 31.17 -47.91
CA ASN A 226 5.11 31.22 -49.23
C ASN A 226 4.25 29.98 -49.46
N TRP A 227 4.79 28.84 -49.07
CA TRP A 227 4.17 27.54 -49.30
C TRP A 227 2.82 27.46 -48.60
N LEU A 228 2.81 27.91 -47.35
CA LEU A 228 1.65 27.91 -46.52
C LEU A 228 0.63 28.83 -47.12
N LYS A 229 1.05 30.03 -47.47
CA LYS A 229 0.19 31.01 -48.14
C LYS A 229 -0.53 30.39 -49.32
N GLN A 230 0.23 29.69 -50.14
CA GLN A 230 -0.27 29.00 -51.32
C GLN A 230 -1.36 27.97 -51.00
N MET A 231 -1.18 27.20 -49.94
CA MET A 231 -2.13 26.14 -49.60
C MET A 231 -3.44 26.67 -49.07
N LYS A 232 -3.39 27.83 -48.42
CA LYS A 232 -4.59 28.49 -47.93
C LYS A 232 -5.34 29.16 -49.05
N LYS A 233 -4.60 29.55 -50.09
CA LYS A 233 -5.20 30.16 -51.28
C LYS A 233 -5.93 29.15 -52.17
N ASP A 234 -5.37 27.94 -52.30
CA ASP A 234 -5.80 27.03 -53.39
C ASP A 234 -6.64 25.85 -52.92
N GLY A 235 -7.20 25.96 -51.72
CA GLY A 235 -8.08 24.92 -51.18
C GLY A 235 -7.42 23.77 -50.45
N THR A 236 -6.12 23.56 -50.67
CA THR A 236 -5.40 22.38 -50.15
C THR A 236 -5.37 22.34 -48.63
N TYR A 237 -5.24 23.49 -48.01
CA TYR A 237 -5.22 23.57 -46.55
C TYR A 237 -6.59 23.24 -45.96
N ASP A 238 -7.63 23.87 -46.49
CA ASP A 238 -8.99 23.65 -45.97
C ASP A 238 -9.32 22.18 -46.02
N LYS A 239 -8.97 21.50 -47.11
CA LYS A 239 -9.29 20.07 -47.29
C LYS A 239 -8.67 19.32 -46.12
N LEU A 240 -7.45 19.73 -45.79
CA LEU A 240 -6.68 19.07 -44.77
C LEU A 240 -7.14 19.42 -43.33
N TYR A 241 -7.57 20.65 -43.11
CA TYR A 241 -8.09 21.07 -41.82
C TYR A 241 -9.36 20.30 -41.49
N GLU A 242 -10.32 20.32 -42.40
CA GLU A 242 -11.59 19.62 -42.17
C GLU A 242 -11.40 18.12 -42.02
N LYS A 243 -10.34 17.59 -42.61
CA LYS A 243 -10.04 16.18 -42.50
C LYS A 243 -9.67 15.78 -41.08
N TRP A 244 -8.95 16.64 -40.36
CA TRP A 244 -8.50 16.31 -39.01
C TRP A 244 -9.30 16.95 -37.87
N PHE A 245 -10.07 18.01 -38.15
CA PHE A 245 -10.86 18.72 -37.13
C PHE A 245 -12.39 18.77 -37.37
N LYS A 246 -12.87 18.04 -38.39
CA LYS A 246 -14.31 17.89 -38.67
C LYS A 246 -15.18 18.58 -37.61
N SER B 14 -24.33 -30.96 41.77
CA SER B 14 -23.10 -30.88 40.96
C SER B 14 -23.18 -29.76 39.94
N THR B 15 -22.06 -29.05 39.76
CA THR B 15 -21.97 -28.02 38.74
C THR B 15 -22.31 -28.61 37.36
N LEU B 16 -21.96 -29.88 37.15
CA LEU B 16 -22.27 -30.52 35.88
C LEU B 16 -23.76 -30.39 35.57
N ASP B 17 -24.59 -30.67 36.57
CA ASP B 17 -26.02 -30.61 36.38
C ASP B 17 -26.37 -29.17 36.09
N GLU B 18 -25.85 -28.27 36.91
CA GLU B 18 -26.09 -26.85 36.76
C GLU B 18 -25.75 -26.39 35.34
N ILE B 19 -24.58 -26.81 34.85
CA ILE B 19 -24.15 -26.45 33.52
C ILE B 19 -25.19 -26.86 32.49
N MET B 20 -25.56 -28.12 32.53
CA MET B 20 -26.44 -28.67 31.50
C MET B 20 -27.86 -28.11 31.54
N LYS B 21 -28.40 -27.89 32.75
CA LYS B 21 -29.70 -27.22 32.92
C LYS B 21 -29.66 -25.81 32.36
N ARG B 22 -28.65 -25.04 32.75
CA ARG B 22 -28.51 -23.65 32.31
C ARG B 22 -28.23 -23.51 30.80
N GLY B 23 -27.57 -24.51 30.21
CA GLY B 23 -27.34 -24.53 28.76
C GLY B 23 -26.05 -23.90 28.29
N THR B 24 -25.21 -23.47 29.23
CA THR B 24 -23.98 -22.75 28.93
C THR B 24 -22.86 -23.22 29.83
N LEU B 25 -21.64 -23.28 29.30
CA LEU B 25 -20.46 -23.51 30.12
C LEU B 25 -19.76 -22.18 30.36
N ARG B 26 -19.53 -21.86 31.63
CA ARG B 26 -18.89 -20.58 31.99
C ARG B 26 -17.44 -20.82 32.30
N VAL B 27 -16.57 -20.27 31.47
CA VAL B 27 -15.14 -20.46 31.60
C VAL B 27 -14.44 -19.21 32.07
N GLY B 28 -13.91 -19.29 33.28
CA GLY B 28 -13.06 -18.24 33.82
C GLY B 28 -11.72 -18.21 33.14
N THR B 29 -11.39 -17.08 32.55
CA THR B 29 -10.13 -16.93 31.86
C THR B 29 -9.65 -15.47 31.78
N ASP B 30 -8.49 -15.32 31.15
CA ASP B 30 -7.74 -14.10 31.11
C ASP B 30 -7.87 -13.44 29.72
N ALA B 31 -8.16 -12.15 29.72
CA ALA B 31 -8.24 -11.41 28.48
C ALA B 31 -6.85 -11.13 27.85
N ASP B 32 -5.73 -11.41 28.53
CA ASP B 32 -4.41 -11.11 27.94
C ASP B 32 -3.27 -12.03 28.34
N TYR B 33 -3.20 -13.20 27.70
CA TYR B 33 -2.20 -14.19 28.05
C TYR B 33 -1.97 -15.09 26.87
N LYS B 34 -1.36 -14.51 25.84
CA LYS B 34 -1.05 -15.23 24.62
C LYS B 34 0.03 -16.24 24.90
N PRO B 35 -0.03 -17.41 24.26
CA PRO B 35 -1.04 -17.87 23.33
C PRO B 35 -2.18 -18.68 23.98
N PHE B 36 -2.38 -18.56 25.29
CA PHE B 36 -3.41 -19.35 25.96
C PHE B 36 -4.80 -18.74 25.87
N SER B 37 -4.95 -17.48 26.22
CA SER B 37 -6.21 -16.77 25.96
C SER B 37 -5.99 -15.28 25.79
N PHE B 38 -6.61 -14.73 24.76
CA PHE B 38 -6.45 -13.32 24.42
C PHE B 38 -7.58 -12.88 23.47
N LYS B 39 -7.51 -11.62 23.10
CA LYS B 39 -8.35 -11.06 22.06
C LYS B 39 -7.56 -11.04 20.76
N ASP B 40 -8.22 -11.45 19.68
CA ASP B 40 -7.67 -11.21 18.35
C ASP B 40 -7.95 -9.76 17.91
N LYS B 41 -7.53 -9.42 16.71
CA LYS B 41 -7.76 -8.09 16.11
C LYS B 41 -9.21 -7.60 16.17
N ASN B 42 -10.19 -8.51 16.14
CA ASN B 42 -11.60 -8.13 16.26
C ASN B 42 -12.13 -8.19 17.68
N GLY B 43 -11.25 -8.18 18.68
CA GLY B 43 -11.64 -8.32 20.08
C GLY B 43 -12.37 -9.61 20.41
N GLN B 44 -12.13 -10.66 19.62
CA GLN B 44 -12.72 -11.99 19.88
C GLN B 44 -11.76 -12.91 20.67
N TYR B 45 -12.35 -13.84 21.44
CA TYR B 45 -11.58 -14.67 22.33
C TYR B 45 -10.90 -15.71 21.50
N THR B 46 -9.62 -15.92 21.79
CA THR B 46 -8.85 -16.81 20.97
C THR B 46 -7.66 -17.34 21.74
N GLY B 47 -7.18 -18.51 21.36
CA GLY B 47 -6.06 -19.14 22.06
C GLY B 47 -6.29 -20.61 22.31
N PHE B 48 -5.27 -21.24 22.88
CA PHE B 48 -5.25 -22.67 23.17
C PHE B 48 -6.34 -22.97 24.18
N ASP B 49 -6.39 -22.21 25.25
CA ASP B 49 -7.37 -22.45 26.28
C ASP B 49 -8.79 -22.22 25.74
N ILE B 50 -8.90 -21.30 24.79
CA ILE B 50 -10.19 -20.95 24.23
C ILE B 50 -10.68 -22.08 23.36
N ASP B 51 -9.82 -22.57 22.49
CA ASP B 51 -10.19 -23.71 21.65
C ASP B 51 -10.57 -24.91 22.50
N LEU B 52 -9.77 -25.17 23.54
CA LEU B 52 -10.06 -26.29 24.43
C LEU B 52 -11.41 -26.06 25.10
N ALA B 53 -11.61 -24.88 25.67
CA ALA B 53 -12.91 -24.52 26.23
C ALA B 53 -14.06 -24.80 25.24
N LYS B 54 -13.89 -24.39 24.00
CA LYS B 54 -14.90 -24.66 22.97
C LYS B 54 -15.14 -26.13 22.79
N ALA B 55 -14.04 -26.91 22.75
CA ALA B 55 -14.16 -28.36 22.57
C ALA B 55 -14.94 -28.99 23.73
N LEU B 56 -14.61 -28.57 24.95
CA LEU B 56 -15.31 -29.06 26.14
C LEU B 56 -16.81 -28.73 26.09
N ALA B 57 -17.13 -27.48 25.76
CA ALA B 57 -18.52 -27.07 25.61
C ALA B 57 -19.25 -27.96 24.61
N LYS B 58 -18.68 -28.14 23.42
CA LYS B 58 -19.26 -29.07 22.43
C LYS B 58 -19.56 -30.44 23.08
N GLU B 59 -18.53 -31.04 23.67
CA GLU B 59 -18.65 -32.32 24.39
C GLU B 59 -19.86 -32.31 25.33
N LEU B 60 -20.01 -31.20 26.05
CA LEU B 60 -21.08 -31.01 27.02
C LEU B 60 -22.46 -30.76 26.40
N GLY B 61 -22.52 -30.56 25.08
CA GLY B 61 -23.75 -30.15 24.39
C GLY B 61 -24.24 -28.74 24.75
N VAL B 62 -23.32 -27.83 25.04
CA VAL B 62 -23.73 -26.49 25.47
C VAL B 62 -22.92 -25.40 24.80
N LYS B 63 -23.41 -24.17 24.92
CA LYS B 63 -22.68 -22.98 24.49
C LYS B 63 -21.60 -22.62 25.48
N VAL B 64 -20.65 -21.83 25.00
CA VAL B 64 -19.54 -21.34 25.83
C VAL B 64 -19.66 -19.84 26.11
N GLU B 65 -19.47 -19.47 27.37
CA GLU B 65 -19.36 -18.08 27.76
C GLU B 65 -18.07 -17.88 28.53
N PHE B 66 -17.28 -16.91 28.11
CA PHE B 66 -16.02 -16.64 28.77
C PHE B 66 -16.19 -15.50 29.75
N VAL B 67 -15.64 -15.68 30.95
CA VAL B 67 -15.75 -14.71 32.01
C VAL B 67 -14.34 -14.11 32.23
N PRO B 68 -14.08 -12.92 31.65
CA PRO B 68 -12.78 -12.30 31.85
C PRO B 68 -12.57 -12.07 33.32
N THR B 69 -11.38 -12.43 33.80
CA THR B 69 -11.11 -12.39 35.23
C THR B 69 -9.67 -12.06 35.43
N THR B 70 -9.42 -11.20 36.41
CA THR B 70 -8.06 -10.82 36.73
C THR B 70 -7.36 -12.03 37.37
N TRP B 71 -6.16 -12.34 36.92
CA TRP B 71 -5.43 -13.50 37.41
C TRP B 71 -5.40 -13.64 38.94
N ASP B 72 -5.08 -12.56 39.64
CA ASP B 72 -4.81 -12.64 41.06
C ASP B 72 -6.00 -13.17 41.85
N GLY B 73 -7.20 -12.78 41.44
CA GLY B 73 -8.42 -13.21 42.10
C GLY B 73 -9.15 -14.32 41.36
N ILE B 74 -8.46 -15.04 40.51
CA ILE B 74 -9.15 -16.04 39.67
C ILE B 74 -9.63 -17.23 40.48
N ILE B 75 -8.87 -17.67 41.46
CA ILE B 75 -9.31 -18.75 42.33
C ILE B 75 -10.47 -18.35 43.24
N PRO B 76 -10.39 -17.19 43.90
CA PRO B 76 -11.56 -16.71 44.64
C PRO B 76 -12.82 -16.55 43.80
N ALA B 77 -12.66 -16.11 42.54
CA ALA B 77 -13.80 -16.00 41.64
C ALA B 77 -14.41 -17.37 41.39
N LEU B 78 -13.55 -18.37 41.23
CA LEU B 78 -14.01 -19.74 40.98
C LEU B 78 -14.75 -20.25 42.20
N GLN B 79 -14.11 -20.11 43.37
CA GLN B 79 -14.68 -20.63 44.63
C GLN B 79 -16.03 -20.00 45.01
N THR B 80 -16.27 -18.77 44.54
CA THR B 80 -17.49 -18.03 44.78
C THR B 80 -18.52 -18.21 43.66
N GLY B 81 -18.28 -19.14 42.76
CA GLY B 81 -19.23 -19.43 41.69
C GLY B 81 -19.40 -18.39 40.59
N LYS B 82 -18.37 -17.60 40.31
CA LYS B 82 -18.45 -16.66 39.17
C LYS B 82 -18.36 -17.36 37.83
N PHE B 83 -17.83 -18.57 37.83
CA PHE B 83 -17.80 -19.42 36.63
C PHE B 83 -17.57 -20.86 37.06
N ASP B 84 -17.64 -21.79 36.13
CA ASP B 84 -17.55 -23.21 36.46
C ASP B 84 -16.15 -23.78 36.44
N ILE B 85 -15.25 -23.20 35.66
CA ILE B 85 -13.95 -23.83 35.41
C ILE B 85 -12.92 -22.81 34.97
N VAL B 86 -11.69 -22.97 35.46
CA VAL B 86 -10.58 -22.12 35.07
C VAL B 86 -9.83 -22.75 33.89
N MET B 87 -9.76 -22.04 32.77
CA MET B 87 -8.92 -22.48 31.66
C MET B 87 -8.10 -21.29 31.26
N SER B 88 -6.92 -21.20 31.86
CA SER B 88 -6.15 -19.98 31.83
C SER B 88 -4.66 -20.21 32.12
N GLY B 89 -4.10 -21.26 31.53
CA GLY B 89 -2.69 -21.54 31.63
C GLY B 89 -2.25 -21.75 33.03
N MET B 90 -3.11 -22.38 33.82
CA MET B 90 -2.84 -22.51 35.24
C MET B 90 -1.97 -23.74 35.60
N THR B 91 -0.81 -23.47 36.18
CA THR B 91 0.07 -24.49 36.70
C THR B 91 -0.56 -25.16 37.92
N ILE B 92 -0.45 -26.48 37.99
CA ILE B 92 -0.89 -27.26 39.14
C ILE B 92 0.18 -27.16 40.22
N THR B 93 -0.17 -26.64 41.40
CA THR B 93 0.78 -26.56 42.52
C THR B 93 0.16 -27.13 43.77
N PRO B 94 1.00 -27.58 44.72
CA PRO B 94 0.48 -28.05 46.00
C PRO B 94 -0.41 -27.02 46.69
N GLU B 95 0.09 -25.79 46.80
CA GLU B 95 -0.65 -24.73 47.49
C GLU B 95 -2.03 -24.54 46.89
N ARG B 96 -2.12 -24.57 45.56
CA ARG B 96 -3.38 -24.39 44.85
C ARG B 96 -4.30 -25.61 44.96
N LYS B 97 -3.72 -26.82 44.95
CA LYS B 97 -4.46 -28.08 45.14
C LYS B 97 -5.27 -28.10 46.44
N LYS B 98 -4.78 -27.39 47.46
CA LYS B 98 -5.50 -27.24 48.73
C LYS B 98 -6.77 -26.42 48.60
N LYS B 99 -6.88 -25.59 47.56
CA LYS B 99 -8.04 -24.71 47.39
C LYS B 99 -9.02 -25.20 46.31
N VAL B 100 -8.50 -25.84 45.28
CA VAL B 100 -9.32 -26.31 44.18
C VAL B 100 -8.84 -27.66 43.71
N ASP B 101 -9.65 -28.30 42.87
CA ASP B 101 -9.25 -29.56 42.21
C ASP B 101 -8.78 -29.28 40.78
N PHE B 102 -7.76 -29.98 40.34
CA PHE B 102 -7.25 -29.87 39.00
C PHE B 102 -7.53 -31.10 38.14
N SER B 103 -7.79 -30.87 36.88
CA SER B 103 -7.85 -31.91 35.88
C SER B 103 -6.50 -32.57 35.76
N ASP B 104 -6.45 -33.61 34.93
CA ASP B 104 -5.19 -34.19 34.54
C ASP B 104 -4.42 -33.14 33.73
N PRO B 105 -3.08 -33.23 33.70
CA PRO B 105 -2.27 -32.24 32.97
C PRO B 105 -2.71 -32.09 31.52
N TYR B 106 -2.89 -30.86 31.06
CA TYR B 106 -3.23 -30.62 29.64
C TYR B 106 -2.09 -30.00 28.82
N MET B 107 -0.94 -29.87 29.48
CA MET B 107 0.16 -29.11 28.94
C MET B 107 1.29 -29.12 29.97
N THR B 108 2.50 -28.84 29.51
CA THR B 108 3.62 -28.69 30.41
C THR B 108 4.37 -27.40 30.10
N ALA B 109 4.91 -26.79 31.17
CA ALA B 109 5.67 -25.56 31.09
C ALA B 109 6.79 -25.45 32.11
N GLY B 110 7.96 -25.02 31.66
CA GLY B 110 9.06 -24.66 32.54
C GLY B 110 9.08 -23.16 32.63
N GLN B 111 9.99 -22.64 33.45
CA GLN B 111 10.21 -21.20 33.59
C GLN B 111 11.33 -20.77 32.67
N THR B 112 11.09 -19.71 31.89
CA THR B 112 12.06 -19.25 30.93
C THR B 112 12.36 -17.78 31.17
N ILE B 113 13.60 -17.38 30.93
CA ILE B 113 14.03 -16.00 31.01
C ILE B 113 14.12 -15.39 29.61
N LEU B 114 13.60 -14.18 29.49
CA LEU B 114 13.60 -13.47 28.25
C LEU B 114 14.42 -12.22 28.43
N VAL B 115 15.30 -11.92 27.47
CA VAL B 115 16.13 -10.70 27.48
C VAL B 115 16.26 -10.06 26.09
N LYS B 116 16.77 -8.83 26.02
CA LYS B 116 17.04 -8.20 24.74
C LYS B 116 18.10 -9.02 24.02
N LYS B 117 17.96 -9.20 22.69
CA LYS B 117 18.99 -9.90 21.87
C LYS B 117 20.39 -9.33 22.12
N ASP B 118 20.53 -8.00 22.16
CA ASP B 118 21.79 -7.35 22.50
C ASP B 118 22.38 -7.90 23.83
N ASN B 119 21.58 -7.85 24.90
CA ASN B 119 22.03 -8.25 26.25
C ASN B 119 22.02 -9.78 26.52
N ALA B 120 21.94 -10.57 25.47
CA ALA B 120 22.00 -12.04 25.57
C ALA B 120 23.40 -12.55 25.94
N ASP B 121 24.42 -11.76 25.67
CA ASP B 121 25.79 -12.09 26.10
C ASP B 121 25.98 -12.12 27.63
N LYS B 122 25.40 -11.17 28.35
CA LYS B 122 25.70 -11.04 29.79
C LYS B 122 25.06 -12.12 30.71
N ILE B 123 24.21 -13.00 30.16
CA ILE B 123 23.28 -13.81 30.98
C ILE B 123 23.28 -15.31 30.64
N LYS B 124 24.10 -16.08 31.35
CA LYS B 124 24.18 -17.53 31.15
C LYS B 124 22.97 -18.25 31.76
N SER B 125 22.58 -17.88 32.98
CA SER B 125 21.56 -18.62 33.74
C SER B 125 20.79 -17.75 34.75
N PHE B 126 19.92 -18.39 35.51
CA PHE B 126 19.19 -17.73 36.60
C PHE B 126 20.14 -17.04 37.56
N GLU B 127 21.18 -17.75 37.96
CA GLU B 127 22.19 -17.20 38.86
C GLU B 127 22.73 -15.85 38.41
N ASP B 128 22.93 -15.68 37.10
CA ASP B 128 23.42 -14.41 36.56
C ASP B 128 22.48 -13.20 36.75
N LEU B 129 21.20 -13.47 37.04
CA LEU B 129 20.22 -12.42 37.32
C LEU B 129 20.08 -12.09 38.80
N ASN B 130 20.69 -12.90 39.66
CA ASN B 130 20.57 -12.73 41.11
C ASN B 130 21.62 -11.74 41.64
N LYS B 131 21.70 -10.59 40.98
CA LYS B 131 22.55 -9.49 41.41
C LYS B 131 21.65 -8.36 41.90
N PRO B 132 22.18 -7.43 42.72
CA PRO B 132 21.31 -6.39 43.27
C PRO B 132 20.93 -5.25 42.32
N ASP B 133 21.69 -5.08 41.23
CA ASP B 133 21.40 -4.06 40.20
C ASP B 133 20.42 -4.53 39.11
N VAL B 134 20.12 -5.83 39.09
CA VAL B 134 19.25 -6.42 38.06
C VAL B 134 17.76 -6.24 38.40
N LYS B 135 17.00 -5.71 37.43
CA LYS B 135 15.54 -5.62 37.53
C LYS B 135 14.91 -6.67 36.64
N VAL B 136 14.04 -7.50 37.23
CA VAL B 136 13.30 -8.49 36.45
C VAL B 136 11.79 -8.37 36.64
N ALA B 137 11.07 -8.48 35.51
CA ALA B 137 9.64 -8.32 35.48
C ALA B 137 8.93 -9.66 35.41
N VAL B 138 7.77 -9.74 36.05
CA VAL B 138 6.94 -10.94 36.06
C VAL B 138 5.49 -10.56 36.25
N GLN B 139 4.60 -11.50 35.93
CA GLN B 139 3.17 -11.29 36.14
C GLN B 139 2.84 -11.54 37.59
N LEU B 140 2.11 -10.63 38.21
CA LEU B 140 1.77 -10.73 39.64
C LEU B 140 0.94 -12.00 39.92
N GLY B 141 1.33 -12.75 40.96
CA GLY B 141 0.58 -13.92 41.40
C GLY B 141 0.77 -15.18 40.57
N THR B 142 1.92 -15.28 39.90
CA THR B 142 2.21 -16.41 39.02
C THR B 142 3.37 -17.23 39.55
N THR B 143 3.56 -18.41 38.99
CA THR B 143 4.64 -19.26 39.40
C THR B 143 5.99 -18.62 39.05
N SER B 144 5.99 -17.73 38.06
CA SER B 144 7.20 -17.01 37.68
C SER B 144 7.59 -16.00 38.77
N GLU B 145 6.60 -15.36 39.38
CA GLU B 145 6.89 -14.49 40.53
C GLU B 145 7.56 -15.30 41.62
N GLN B 146 6.97 -16.46 41.92
CA GLN B 146 7.48 -17.31 42.99
C GLN B 146 8.89 -17.77 42.64
N ALA B 147 9.10 -18.14 41.40
CA ALA B 147 10.41 -18.64 40.98
C ALA B 147 11.48 -17.56 41.11
N ALA B 148 11.13 -16.34 40.73
CA ALA B 148 12.05 -15.21 40.87
C ALA B 148 12.30 -14.83 42.33
N LYS B 149 11.26 -14.89 43.16
CA LYS B 149 11.40 -14.61 44.61
C LYS B 149 12.37 -15.55 45.29
N GLU B 150 12.22 -16.83 44.99
CA GLU B 150 12.99 -17.90 45.57
C GLU B 150 14.42 -17.88 45.03
N PHE B 151 14.56 -17.85 43.72
CA PHE B 151 15.86 -18.06 43.08
C PHE B 151 16.62 -16.78 42.69
N LEU B 152 16.03 -15.61 42.90
CA LEU B 152 16.68 -14.33 42.62
C LEU B 152 16.38 -13.32 43.72
N PRO B 153 16.65 -13.69 44.97
CA PRO B 153 16.27 -12.83 46.09
C PRO B 153 17.05 -11.51 46.17
N LYS B 154 18.27 -11.47 45.65
CA LYS B 154 19.04 -10.22 45.58
C LYS B 154 18.54 -9.23 44.52
N ALA B 155 17.80 -9.70 43.51
CA ALA B 155 17.35 -8.84 42.41
C ALA B 155 16.14 -8.00 42.79
N LYS B 156 15.82 -7.02 41.95
CA LYS B 156 14.63 -6.21 42.12
C LYS B 156 13.51 -6.79 41.28
N ILE B 157 12.53 -7.36 41.93
CA ILE B 157 11.41 -7.94 41.24
C ILE B 157 10.35 -6.89 41.10
N ARG B 158 9.90 -6.68 39.86
CA ARG B 158 8.80 -5.77 39.58
C ARG B 158 7.62 -6.55 38.94
N THR B 159 6.42 -6.35 39.48
CA THR B 159 5.28 -7.15 39.11
C THR B 159 4.30 -6.37 38.28
N PHE B 160 3.53 -7.10 37.47
CA PHE B 160 2.59 -6.49 36.54
C PHE B 160 1.30 -7.28 36.52
N GLU B 161 0.16 -6.59 36.38
CA GLU B 161 -1.15 -7.26 36.33
C GLU B 161 -1.27 -8.20 35.11
N ASN B 162 -0.64 -7.82 33.99
CA ASN B 162 -0.60 -8.73 32.83
C ASN B 162 0.77 -8.84 32.20
N ASN B 163 0.94 -9.85 31.36
CA ASN B 163 2.26 -10.13 30.79
C ASN B 163 2.72 -9.10 29.78
N ALA B 164 1.78 -8.49 29.06
CA ALA B 164 2.14 -7.59 27.98
C ALA B 164 2.99 -6.45 28.52
N GLU B 165 2.59 -5.89 29.67
CA GLU B 165 3.37 -4.83 30.33
C GLU B 165 4.78 -5.30 30.73
N ALA B 166 4.88 -6.52 31.23
CA ALA B 166 6.15 -7.07 31.61
C ALA B 166 7.04 -7.18 30.39
N PHE B 167 6.48 -7.70 29.31
CA PHE B 167 7.15 -7.70 27.99
C PHE B 167 7.62 -6.29 27.65
N GLN B 168 6.71 -5.32 27.77
CA GLN B 168 7.02 -3.93 27.43
C GLN B 168 8.16 -3.37 28.30
N GLU B 169 8.16 -3.72 29.60
CA GLU B 169 9.26 -3.32 30.49
C GLU B 169 10.63 -3.81 30.09
N VAL B 170 10.73 -5.05 29.60
CA VAL B 170 12.02 -5.60 29.14
C VAL B 170 12.46 -4.96 27.81
N VAL B 171 11.53 -4.78 26.89
CA VAL B 171 11.88 -4.14 25.61
C VAL B 171 12.31 -2.67 25.79
N SER B 172 11.59 -1.94 26.63
CA SER B 172 11.88 -0.52 26.87
C SER B 172 13.17 -0.31 27.64
N GLY B 173 13.72 -1.37 28.22
CA GLY B 173 14.97 -1.27 28.98
C GLY B 173 14.75 -1.00 30.45
N ARG B 174 13.51 -0.80 30.88
CA ARG B 174 13.23 -0.58 32.31
C ARG B 174 13.42 -1.85 33.18
N ALA B 175 13.48 -2.99 32.52
CA ALA B 175 13.83 -4.24 33.19
C ALA B 175 14.84 -4.96 32.34
N ASP B 176 15.67 -5.73 33.01
CA ASP B 176 16.76 -6.38 32.32
C ASP B 176 16.33 -7.70 31.75
N ALA B 177 15.31 -8.28 32.38
CA ALA B 177 14.77 -9.54 31.95
C ALA B 177 13.33 -9.71 32.43
N MET B 178 12.64 -10.69 31.85
CA MET B 178 11.37 -11.14 32.40
C MET B 178 11.36 -12.65 32.46
N VAL B 179 10.64 -13.19 33.44
CA VAL B 179 10.47 -14.63 33.54
C VAL B 179 9.02 -14.95 33.27
N THR B 180 8.79 -16.04 32.57
CA THR B 180 7.45 -16.44 32.18
C THR B 180 7.45 -17.89 31.79
N ASP B 181 6.28 -18.49 31.59
CA ASP B 181 6.19 -19.90 31.19
C ASP B 181 6.85 -20.11 29.81
N SER B 182 7.56 -21.23 29.64
CA SER B 182 8.32 -21.46 28.42
C SER B 182 7.52 -21.20 27.16
N PRO B 183 6.30 -21.75 27.07
CA PRO B 183 5.54 -21.53 25.83
C PRO B 183 5.15 -20.07 25.58
N VAL B 184 5.00 -19.28 26.64
CA VAL B 184 4.72 -17.86 26.48
C VAL B 184 5.98 -17.17 26.01
N ALA B 185 7.11 -17.49 26.63
CA ALA B 185 8.40 -16.93 26.27
C ALA B 185 8.72 -17.19 24.80
N ALA B 186 8.46 -18.40 24.35
CA ALA B 186 8.73 -18.78 22.97
C ALA B 186 7.85 -17.96 22.05
N TYR B 187 6.56 -17.90 22.38
CA TYR B 187 5.62 -17.13 21.59
C TYR B 187 6.07 -15.67 21.46
N TYR B 188 6.48 -15.04 22.57
CA TYR B 188 6.98 -13.66 22.53
C TYR B 188 8.26 -13.51 21.71
N ALA B 189 9.06 -14.57 21.57
CA ALA B 189 10.29 -14.52 20.76
C ALA B 189 10.06 -14.56 19.21
N LYS B 190 8.92 -15.08 18.77
CA LYS B 190 8.33 -14.88 17.37
C LYS B 190 7.41 -16.00 16.94
N LEU B 195 8.80 -11.82 17.78
CA LEU B 195 8.82 -10.38 17.99
C LEU B 195 10.24 -9.88 18.39
N ALA B 196 11.18 -10.20 17.48
CA ALA B 196 12.68 -10.26 17.67
C ALA B 196 13.38 -9.82 19.01
N VAL B 197 12.86 -10.26 20.15
CA VAL B 197 13.60 -10.35 21.47
C VAL B 197 14.05 -11.83 21.65
N VAL B 198 14.72 -12.25 22.74
CA VAL B 198 15.18 -13.67 22.81
C VAL B 198 15.27 -14.41 24.17
N VAL B 199 15.32 -15.73 24.01
CA VAL B 199 15.18 -16.68 25.10
C VAL B 199 16.52 -17.21 25.58
N VAL B 200 16.68 -17.39 26.89
CA VAL B 200 17.90 -18.04 27.40
C VAL B 200 17.66 -19.49 27.87
N ASP B 201 18.63 -20.37 27.59
CA ASP B 201 18.48 -21.81 27.84
C ASP B 201 18.98 -22.23 29.21
N PHE B 204 15.96 -26.15 35.17
CA PHE B 204 14.77 -26.18 36.02
C PHE B 204 13.65 -27.04 35.47
N THR B 205 12.94 -27.68 36.40
CA THR B 205 11.93 -28.69 36.11
C THR B 205 10.70 -28.08 35.42
N HIS B 206 9.96 -28.97 34.77
CA HIS B 206 8.73 -28.61 34.10
C HIS B 206 7.60 -28.99 35.00
N GLU B 207 6.50 -28.25 34.87
CA GLU B 207 5.35 -28.44 35.72
C GLU B 207 4.09 -28.53 34.85
N PRO B 208 3.15 -29.37 35.27
CA PRO B 208 1.95 -29.56 34.47
C PRO B 208 0.98 -28.38 34.64
N LEU B 209 0.25 -28.04 33.58
CA LEU B 209 -0.87 -27.12 33.67
C LEU B 209 -2.13 -27.96 33.74
N GLY B 210 -3.15 -27.43 34.40
CA GLY B 210 -4.45 -28.07 34.47
C GLY B 210 -5.60 -27.06 34.47
N PHE B 211 -6.81 -27.56 34.28
CA PHE B 211 -8.02 -26.81 34.49
C PHE B 211 -8.54 -26.99 35.90
N ALA B 212 -8.93 -25.90 36.54
CA ALA B 212 -9.33 -25.92 37.94
C ALA B 212 -10.83 -25.93 38.08
N ILE B 213 -11.34 -26.69 39.05
CA ILE B 213 -12.74 -26.60 39.43
C ILE B 213 -12.88 -26.66 40.94
N ARG B 214 -14.04 -26.22 41.44
CA ARG B 214 -14.29 -26.27 42.88
C ARG B 214 -14.21 -27.69 43.36
N LYS B 215 -13.75 -27.84 44.61
CA LYS B 215 -13.80 -29.12 45.36
C LYS B 215 -15.24 -29.64 45.47
N GLY B 216 -15.36 -30.94 45.69
CA GLY B 216 -16.66 -31.57 45.90
C GLY B 216 -17.53 -31.72 44.66
N ASP B 217 -16.91 -31.98 43.51
CA ASP B 217 -17.65 -32.08 42.25
C ASP B 217 -17.03 -33.10 41.32
N PRO B 218 -16.89 -34.35 41.78
CA PRO B 218 -16.16 -35.36 41.01
C PRO B 218 -16.82 -35.70 39.68
N GLU B 219 -18.13 -35.47 39.54
CA GLU B 219 -18.81 -35.68 38.26
C GLU B 219 -18.16 -34.81 37.21
N LEU B 220 -18.05 -33.53 37.51
CA LEU B 220 -17.46 -32.57 36.58
C LEU B 220 -15.99 -32.88 36.32
N LEU B 221 -15.27 -33.21 37.39
CA LEU B 221 -13.85 -33.55 37.27
C LEU B 221 -13.62 -34.77 36.39
N ASN B 222 -14.39 -35.82 36.63
CA ASN B 222 -14.32 -37.02 35.79
C ASN B 222 -14.66 -36.71 34.34
N TRP B 223 -15.66 -35.86 34.15
CA TRP B 223 -16.11 -35.52 32.83
C TRP B 223 -14.98 -34.86 32.05
N VAL B 224 -14.42 -33.83 32.67
CA VAL B 224 -13.29 -33.11 32.10
C VAL B 224 -12.19 -34.10 31.78
N ASN B 225 -11.82 -34.94 32.74
CA ASN B 225 -10.72 -35.88 32.50
C ASN B 225 -11.05 -36.83 31.37
N ASN B 226 -12.28 -37.30 31.32
CA ASN B 226 -12.66 -38.20 30.24
C ASN B 226 -12.53 -37.49 28.92
N TRP B 227 -13.01 -36.25 28.88
CA TRP B 227 -13.06 -35.43 27.66
C TRP B 227 -11.68 -35.20 27.13
N LEU B 228 -10.79 -34.86 28.04
CA LEU B 228 -9.41 -34.61 27.72
C LEU B 228 -8.75 -35.87 27.21
N LYS B 229 -8.91 -36.95 27.93
CA LYS B 229 -8.43 -38.28 27.51
C LYS B 229 -8.82 -38.59 26.04
N GLN B 230 -10.10 -38.39 25.74
CA GLN B 230 -10.64 -38.60 24.42
C GLN B 230 -9.96 -37.76 23.34
N MET B 231 -9.65 -36.49 23.62
CA MET B 231 -9.05 -35.62 22.63
C MET B 231 -7.60 -35.98 22.33
N LYS B 232 -6.91 -36.51 23.32
CA LYS B 232 -5.54 -36.97 23.14
C LYS B 232 -5.49 -38.26 22.34
N LYS B 233 -6.56 -39.04 22.44
CA LYS B 233 -6.68 -40.32 21.74
C LYS B 233 -7.01 -40.15 20.26
N ASP B 234 -7.84 -39.17 19.92
CA ASP B 234 -8.46 -39.12 18.59
C ASP B 234 -7.89 -38.03 17.69
N GLY B 235 -6.70 -37.54 18.02
CA GLY B 235 -6.01 -36.56 17.18
C GLY B 235 -6.36 -35.11 17.43
N THR B 236 -7.50 -34.84 18.06
CA THR B 236 -8.02 -33.48 18.18
C THR B 236 -7.11 -32.56 18.99
N TYR B 237 -6.51 -33.11 20.04
CA TYR B 237 -5.59 -32.34 20.90
C TYR B 237 -4.30 -31.99 20.13
N ASP B 238 -3.70 -33.00 19.50
CA ASP B 238 -2.45 -32.79 18.76
C ASP B 238 -2.61 -31.73 17.69
N LYS B 239 -3.73 -31.76 16.96
CA LYS B 239 -4.01 -30.73 15.95
C LYS B 239 -3.96 -29.36 16.60
N LEU B 240 -4.53 -29.27 17.78
CA LEU B 240 -4.64 -28.01 18.50
C LEU B 240 -3.34 -27.56 19.12
N TYR B 241 -2.56 -28.51 19.62
CA TYR B 241 -1.26 -28.20 20.19
C TYR B 241 -0.34 -27.60 19.13
N GLU B 242 -0.19 -28.31 18.01
CA GLU B 242 0.71 -27.84 16.94
C GLU B 242 0.23 -26.52 16.35
N LYS B 243 -1.07 -26.25 16.46
CA LYS B 243 -1.62 -25.01 15.98
C LYS B 243 -1.11 -23.83 16.78
N TRP B 244 -0.94 -23.99 18.09
CA TRP B 244 -0.55 -22.88 18.96
C TRP B 244 0.93 -22.87 19.37
N PHE B 245 1.60 -24.02 19.28
CA PHE B 245 3.01 -24.16 19.70
C PHE B 245 3.99 -24.67 18.62
N LYS B 246 3.53 -24.83 17.38
CA LYS B 246 4.42 -25.33 16.29
C LYS B 246 5.84 -25.72 16.74
N SER C 14 -7.20 0.61 -31.86
CA SER C 14 -6.55 0.00 -30.67
C SER C 14 -7.57 -0.65 -29.76
N THR C 15 -7.21 -1.81 -29.21
CA THR C 15 -8.06 -2.49 -28.24
C THR C 15 -8.34 -1.57 -27.04
N LEU C 16 -7.39 -0.70 -26.71
CA LEU C 16 -7.59 0.26 -25.62
C LEU C 16 -8.85 1.07 -25.84
N ASP C 17 -9.01 1.58 -27.06
CA ASP C 17 -10.19 2.35 -27.40
C ASP C 17 -11.43 1.45 -27.28
N GLU C 18 -11.34 0.26 -27.88
CA GLU C 18 -12.43 -0.72 -27.82
C GLU C 18 -12.83 -1.03 -26.38
N ILE C 19 -11.84 -1.24 -25.51
CA ILE C 19 -12.11 -1.50 -24.09
C ILE C 19 -12.93 -0.38 -23.48
N MET C 20 -12.43 0.85 -23.61
CA MET C 20 -13.05 1.99 -22.93
C MET C 20 -14.44 2.36 -23.47
N LYS C 21 -14.63 2.25 -24.79
CA LYS C 21 -15.95 2.40 -25.41
C LYS C 21 -16.94 1.37 -24.88
N ARG C 22 -16.53 0.12 -24.90
CA ARG C 22 -17.39 -0.99 -24.48
C ARG C 22 -17.68 -0.94 -22.96
N GLY C 23 -16.75 -0.42 -22.18
CA GLY C 23 -16.97 -0.26 -20.73
C GLY C 23 -16.50 -1.42 -19.85
N THR C 24 -15.88 -2.44 -20.46
CA THR C 24 -15.46 -3.63 -19.73
C THR C 24 -14.09 -4.11 -20.22
N LEU C 25 -13.30 -4.64 -19.31
CA LEU C 25 -12.04 -5.29 -19.68
C LEU C 25 -12.25 -6.80 -19.71
N ARG C 26 -11.94 -7.44 -20.84
CA ARG C 26 -12.14 -8.89 -20.99
C ARG C 26 -10.81 -9.60 -20.78
N VAL C 27 -10.72 -10.37 -19.69
CA VAL C 27 -9.48 -11.04 -19.32
C VAL C 27 -9.53 -12.54 -19.55
N GLY C 28 -8.77 -13.01 -20.53
CA GLY C 28 -8.64 -14.43 -20.80
C GLY C 28 -7.85 -15.10 -19.70
N THR C 29 -8.46 -16.09 -19.06
CA THR C 29 -7.79 -16.79 -17.98
C THR C 29 -8.35 -18.19 -17.75
N ASP C 30 -7.75 -18.84 -16.76
CA ASP C 30 -7.94 -20.27 -16.51
C ASP C 30 -8.82 -20.47 -15.29
N ALA C 31 -9.80 -21.35 -15.42
CA ALA C 31 -10.67 -21.68 -14.29
C ALA C 31 -10.00 -22.56 -13.23
N ASP C 32 -8.80 -23.11 -13.47
CA ASP C 32 -8.18 -23.99 -12.47
C ASP C 32 -6.66 -23.98 -12.45
N TYR C 33 -6.08 -22.96 -11.81
CA TYR C 33 -4.63 -22.79 -11.80
C TYR C 33 -4.25 -21.97 -10.59
N LYS C 34 -4.49 -22.56 -9.42
CA LYS C 34 -4.17 -21.94 -8.16
C LYS C 34 -2.64 -21.84 -8.06
N PRO C 35 -2.12 -20.73 -7.51
CA PRO C 35 -2.86 -19.63 -6.92
C PRO C 35 -3.09 -18.46 -7.88
N PHE C 36 -2.95 -18.69 -9.19
CA PHE C 36 -3.01 -17.60 -10.15
C PHE C 36 -4.45 -17.27 -10.50
N SER C 37 -5.24 -18.28 -10.88
CA SER C 37 -6.67 -18.07 -11.10
C SER C 37 -7.48 -19.34 -10.92
N PHE C 38 -8.60 -19.22 -10.18
CA PHE C 38 -9.56 -20.31 -9.94
C PHE C 38 -10.98 -19.77 -9.89
N LYS C 39 -11.97 -20.45 -10.49
CA LYS C 39 -13.39 -20.12 -10.34
C LYS C 39 -14.17 -21.11 -9.50
N ASP C 40 -14.96 -20.61 -8.56
CA ASP C 40 -15.69 -21.49 -7.61
C ASP C 40 -17.06 -21.96 -8.11
N LYS C 41 -17.75 -22.73 -7.26
CA LYS C 41 -19.10 -23.25 -7.55
C LYS C 41 -20.12 -22.19 -8.03
N ASN C 42 -19.98 -20.95 -7.57
CA ASN C 42 -20.86 -19.85 -8.02
C ASN C 42 -20.31 -19.07 -9.22
N GLY C 43 -19.35 -19.66 -9.95
CA GLY C 43 -18.72 -18.97 -11.07
C GLY C 43 -17.97 -17.70 -10.70
N GLN C 44 -17.52 -17.60 -9.44
CA GLN C 44 -16.72 -16.44 -9.01
C GLN C 44 -15.23 -16.76 -9.00
N TYR C 45 -14.43 -15.74 -9.22
CA TYR C 45 -13.02 -15.90 -9.59
C TYR C 45 -12.11 -15.36 -8.52
N THR C 46 -10.94 -15.98 -8.36
CA THR C 46 -10.04 -15.58 -7.30
C THR C 46 -8.61 -16.03 -7.58
N GLY C 47 -7.64 -15.28 -7.06
CA GLY C 47 -6.24 -15.53 -7.36
C GLY C 47 -5.44 -14.28 -7.63
N PHE C 48 -4.12 -14.46 -7.78
CA PHE C 48 -3.18 -13.36 -8.03
C PHE C 48 -3.50 -12.68 -9.35
N ASP C 49 -3.66 -13.46 -10.41
CA ASP C 49 -3.98 -12.90 -11.71
C ASP C 49 -5.33 -12.20 -11.68
N ILE C 50 -6.24 -12.67 -10.84
CA ILE C 50 -7.57 -12.11 -10.75
C ILE C 50 -7.48 -10.76 -10.08
N ASP C 51 -6.80 -10.70 -8.96
CA ASP C 51 -6.66 -9.43 -8.27
C ASP C 51 -5.96 -8.40 -9.14
N LEU C 52 -4.92 -8.83 -9.86
CA LEU C 52 -4.21 -7.93 -10.79
C LEU C 52 -5.17 -7.46 -11.85
N ALA C 53 -5.87 -8.40 -12.47
CA ALA C 53 -6.89 -8.06 -13.44
C ALA C 53 -7.84 -6.98 -12.90
N LYS C 54 -8.31 -7.16 -11.68
CA LYS C 54 -9.19 -6.19 -11.05
C LYS C 54 -8.53 -4.83 -10.95
N ALA C 55 -7.26 -4.82 -10.55
CA ALA C 55 -6.53 -3.58 -10.38
C ALA C 55 -6.40 -2.84 -11.71
N LEU C 56 -6.07 -3.60 -12.76
CA LEU C 56 -5.98 -3.04 -14.11
C LEU C 56 -7.31 -2.43 -14.58
N ALA C 57 -8.39 -3.20 -14.42
CA ALA C 57 -9.71 -2.69 -14.73
C ALA C 57 -10.01 -1.38 -14.00
N LYS C 58 -9.83 -1.34 -12.69
CA LYS C 58 -9.97 -0.09 -11.95
C LYS C 58 -9.18 1.06 -12.61
N GLU C 59 -7.88 0.84 -12.82
CA GLU C 59 -7.02 1.81 -13.51
C GLU C 59 -7.65 2.31 -14.80
N LEU C 60 -8.23 1.39 -15.56
CA LEU C 60 -8.87 1.65 -16.85
C LEU C 60 -10.22 2.34 -16.72
N GLY C 61 -10.76 2.44 -15.50
CA GLY C 61 -12.11 2.97 -15.28
C GLY C 61 -13.21 2.08 -15.81
N VAL C 62 -13.01 0.77 -15.80
CA VAL C 62 -14.00 -0.15 -16.37
C VAL C 62 -14.24 -1.37 -15.48
N LYS C 63 -15.31 -2.09 -15.78
CA LYS C 63 -15.61 -3.37 -15.14
C LYS C 63 -14.78 -4.50 -15.75
N VAL C 64 -14.67 -5.59 -14.99
CA VAL C 64 -13.92 -6.76 -15.41
C VAL C 64 -14.85 -7.89 -15.78
N GLU C 65 -14.54 -8.56 -16.88
CA GLU C 65 -15.17 -9.82 -17.21
C GLU C 65 -14.09 -10.86 -17.48
N PHE C 66 -14.21 -12.02 -16.86
CA PHE C 66 -13.25 -13.10 -17.06
C PHE C 66 -13.79 -14.11 -18.05
N VAL C 67 -12.93 -14.50 -18.99
CA VAL C 67 -13.29 -15.40 -20.05
C VAL C 67 -12.56 -16.71 -19.81
N PRO C 68 -13.23 -17.69 -19.19
CA PRO C 68 -12.56 -18.98 -18.98
C PRO C 68 -12.12 -19.53 -20.30
N THR C 69 -10.88 -20.01 -20.35
CA THR C 69 -10.29 -20.50 -21.58
C THR C 69 -9.35 -21.63 -21.28
N THR C 70 -9.38 -22.64 -22.13
CA THR C 70 -8.49 -23.78 -22.02
C THR C 70 -7.08 -23.33 -22.32
N TRP C 71 -6.11 -23.72 -21.49
CA TRP C 71 -4.73 -23.30 -21.69
C TRP C 71 -4.21 -23.49 -23.13
N ASP C 72 -4.47 -24.67 -23.68
CA ASP C 72 -3.87 -25.04 -24.96
C ASP C 72 -4.23 -24.07 -26.07
N GLY C 73 -5.48 -23.60 -26.08
CA GLY C 73 -5.94 -22.66 -27.09
C GLY C 73 -6.02 -21.22 -26.62
N ILE C 74 -5.29 -20.88 -25.56
CA ILE C 74 -5.42 -19.54 -25.00
C ILE C 74 -4.82 -18.44 -25.89
N ILE C 75 -3.70 -18.73 -26.56
CA ILE C 75 -3.13 -17.77 -27.48
C ILE C 75 -3.99 -17.60 -28.75
N PRO C 76 -4.47 -18.71 -29.34
CA PRO C 76 -5.40 -18.54 -30.46
C PRO C 76 -6.67 -17.78 -30.10
N ALA C 77 -7.17 -17.99 -28.88
CA ALA C 77 -8.35 -17.26 -28.43
C ALA C 77 -8.07 -15.77 -28.36
N LEU C 78 -6.87 -15.42 -27.90
CA LEU C 78 -6.46 -14.03 -27.80
C LEU C 78 -6.38 -13.45 -29.19
N GLN C 79 -5.66 -14.15 -30.08
CA GLN C 79 -5.40 -13.64 -31.44
C GLN C 79 -6.67 -13.45 -32.25
N THR C 80 -7.72 -14.18 -31.93
CA THR C 80 -8.99 -14.07 -32.65
C THR C 80 -9.99 -13.22 -31.87
N GLY C 81 -9.51 -12.45 -30.91
CA GLY C 81 -10.36 -11.48 -30.23
C GLY C 81 -11.43 -12.02 -29.31
N LYS C 82 -11.21 -13.18 -28.70
CA LYS C 82 -12.17 -13.67 -27.69
C LYS C 82 -12.04 -12.89 -26.36
N PHE C 83 -10.91 -12.22 -26.16
CA PHE C 83 -10.72 -11.33 -25.01
C PHE C 83 -9.56 -10.37 -25.32
N ASP C 84 -9.31 -9.40 -24.43
CA ASP C 84 -8.28 -8.38 -24.67
C ASP C 84 -6.91 -8.72 -24.16
N ILE C 85 -6.81 -9.55 -23.13
CA ILE C 85 -5.52 -9.75 -22.44
C ILE C 85 -5.47 -11.07 -21.71
N VAL C 86 -4.32 -11.72 -21.75
CA VAL C 86 -4.10 -13.00 -21.04
C VAL C 86 -3.49 -12.70 -19.70
N MET C 87 -4.17 -13.10 -18.63
CA MET C 87 -3.60 -13.02 -17.30
C MET C 87 -3.80 -14.38 -16.69
N SER C 88 -2.80 -15.24 -16.85
CA SER C 88 -2.96 -16.66 -16.57
C SER C 88 -1.65 -17.38 -16.33
N GLY C 89 -0.79 -16.76 -15.52
CA GLY C 89 0.50 -17.33 -15.14
C GLY C 89 1.38 -17.65 -16.31
N MET C 90 1.36 -16.81 -17.33
CA MET C 90 2.06 -17.11 -18.58
C MET C 90 3.52 -16.67 -18.58
N THR C 91 4.40 -17.63 -18.74
CA THR C 91 5.82 -17.38 -18.91
C THR C 91 6.08 -16.70 -20.25
N ILE C 92 6.97 -15.71 -20.25
CA ILE C 92 7.43 -15.06 -21.49
C ILE C 92 8.50 -15.92 -22.15
N THR C 93 8.24 -16.35 -23.38
CA THR C 93 9.24 -17.15 -24.12
C THR C 93 9.45 -16.56 -25.53
N PRO C 94 10.62 -16.83 -26.12
CA PRO C 94 10.88 -16.39 -27.49
C PRO C 94 9.80 -16.88 -28.46
N GLU C 95 9.51 -18.18 -28.41
CA GLU C 95 8.54 -18.77 -29.32
C GLU C 95 7.18 -18.06 -29.22
N ARG C 96 6.74 -17.76 -28.01
CA ARG C 96 5.47 -17.05 -27.79
C ARG C 96 5.51 -15.56 -28.18
N LYS C 97 6.64 -14.91 -27.95
CA LYS C 97 6.86 -13.52 -28.38
C LYS C 97 6.63 -13.31 -29.86
N LYS C 98 6.86 -14.35 -30.66
CA LYS C 98 6.58 -14.30 -32.09
C LYS C 98 5.10 -14.22 -32.43
N LYS C 99 4.24 -14.66 -31.51
CA LYS C 99 2.78 -14.64 -31.79
C LYS C 99 2.05 -13.50 -31.06
N VAL C 100 2.54 -13.10 -29.88
CA VAL C 100 1.90 -12.06 -29.10
C VAL C 100 2.94 -11.15 -28.46
N ASP C 101 2.48 -10.02 -27.93
CA ASP C 101 3.34 -9.11 -27.17
C ASP C 101 3.13 -9.34 -25.68
N PHE C 102 4.21 -9.28 -24.91
CA PHE C 102 4.13 -9.40 -23.47
C PHE C 102 4.42 -8.10 -22.75
N SER C 103 3.72 -7.90 -21.64
CA SER C 103 4.04 -6.84 -20.69
C SER C 103 5.43 -7.04 -20.11
N ASP C 104 5.86 -6.08 -19.30
CA ASP C 104 7.03 -6.27 -18.46
C ASP C 104 6.73 -7.39 -17.47
N PRO C 105 7.78 -8.04 -16.95
CA PRO C 105 7.58 -9.15 -16.03
C PRO C 105 6.74 -8.78 -14.83
N TYR C 106 5.75 -9.58 -14.47
CA TYR C 106 4.96 -9.32 -13.26
C TYR C 106 5.22 -10.28 -12.11
N MET C 107 6.18 -11.17 -12.31
CA MET C 107 6.38 -12.31 -11.45
C MET C 107 7.55 -13.09 -12.02
N THR C 108 8.16 -13.92 -11.17
CA THR C 108 9.12 -14.91 -11.66
C THR C 108 8.82 -16.28 -11.11
N ALA C 109 9.09 -17.28 -11.93
CA ALA C 109 8.83 -18.64 -11.51
C ALA C 109 9.96 -19.50 -12.00
N GLY C 110 10.44 -20.34 -11.09
CA GLY C 110 11.37 -21.37 -11.44
C GLY C 110 10.60 -22.64 -11.62
N GLN C 111 11.29 -23.65 -12.10
CA GLN C 111 10.73 -24.97 -12.29
C GLN C 111 11.04 -25.78 -11.05
N THR C 112 10.02 -26.45 -10.52
CA THR C 112 10.17 -27.23 -9.30
C THR C 112 9.70 -28.66 -9.55
N ILE C 113 10.38 -29.60 -8.92
CA ILE C 113 10.02 -31.00 -8.97
C ILE C 113 9.25 -31.39 -7.72
N LEU C 114 8.19 -32.15 -7.91
CA LEU C 114 7.35 -32.63 -6.83
C LEU C 114 7.43 -34.13 -6.82
N VAL C 115 7.62 -34.73 -5.64
CA VAL C 115 7.63 -36.19 -5.48
C VAL C 115 6.88 -36.66 -4.21
N LYS C 116 6.62 -37.95 -4.12
CA LYS C 116 6.03 -38.51 -2.89
C LYS C 116 7.01 -38.33 -1.76
N LYS C 117 6.52 -37.98 -0.56
CA LYS C 117 7.37 -37.90 0.65
C LYS C 117 8.27 -39.12 0.83
N ASP C 118 7.69 -40.32 0.66
CA ASP C 118 8.46 -41.58 0.68
C ASP C 118 9.69 -41.50 -0.23
N ASN C 119 9.44 -41.22 -1.52
CA ASN C 119 10.48 -41.24 -2.54
C ASN C 119 11.37 -39.99 -2.59
N ALA C 120 11.30 -39.16 -1.55
CA ALA C 120 12.15 -37.95 -1.43
C ALA C 120 13.63 -38.30 -1.20
N ASP C 121 13.89 -39.50 -0.66
CA ASP C 121 15.24 -40.04 -0.56
C ASP C 121 15.69 -40.35 -1.99
N LYS C 122 16.94 -40.08 -2.32
CA LYS C 122 17.50 -40.47 -3.63
C LYS C 122 17.00 -39.69 -4.85
N ILE C 123 16.26 -38.60 -4.66
CA ILE C 123 16.11 -37.57 -5.71
C ILE C 123 16.74 -36.25 -5.25
N LYS C 124 18.02 -36.09 -5.52
CA LYS C 124 18.75 -34.87 -5.17
C LYS C 124 18.40 -33.70 -6.10
N SER C 125 18.36 -33.96 -7.41
CA SER C 125 18.22 -32.87 -8.41
C SER C 125 17.56 -33.34 -9.70
N PHE C 126 17.49 -32.44 -10.68
CA PHE C 126 16.99 -32.76 -12.01
C PHE C 126 17.71 -33.94 -12.62
N GLU C 127 19.04 -33.93 -12.53
CA GLU C 127 19.85 -35.01 -13.05
C GLU C 127 19.44 -36.39 -12.56
N ASP C 128 19.03 -36.48 -11.31
CA ASP C 128 18.56 -37.76 -10.74
C ASP C 128 17.27 -38.33 -11.38
N LEU C 129 16.52 -37.49 -12.08
CA LEU C 129 15.31 -37.91 -12.82
C LEU C 129 15.58 -38.28 -14.26
N ASN C 130 16.77 -38.00 -14.76
CA ASN C 130 17.14 -38.26 -16.14
C ASN C 130 17.65 -39.70 -16.33
N LYS C 131 16.89 -40.65 -15.80
CA LYS C 131 17.12 -42.07 -15.99
C LYS C 131 16.00 -42.64 -16.86
N PRO C 132 16.22 -43.81 -17.50
CA PRO C 132 15.23 -44.32 -18.45
C PRO C 132 14.00 -44.98 -17.80
N ASP C 133 14.11 -45.36 -16.53
CA ASP C 133 13.00 -45.97 -15.79
C ASP C 133 12.07 -44.94 -15.12
N VAL C 134 12.51 -43.70 -15.09
CA VAL C 134 11.75 -42.63 -14.44
C VAL C 134 10.62 -42.08 -15.33
N LYS C 135 9.40 -42.03 -14.79
CA LYS C 135 8.25 -41.38 -15.46
C LYS C 135 7.96 -40.05 -14.77
N VAL C 136 7.91 -38.97 -15.54
CA VAL C 136 7.56 -37.65 -15.00
C VAL C 136 6.41 -36.98 -15.75
N ALA C 137 5.51 -36.39 -14.97
CA ALA C 137 4.27 -35.81 -15.48
C ALA C 137 4.38 -34.30 -15.54
N VAL C 138 3.76 -33.73 -16.57
CA VAL C 138 3.76 -32.29 -16.79
C VAL C 138 2.50 -31.87 -17.54
N GLN C 139 2.17 -30.59 -17.45
CA GLN C 139 1.03 -30.05 -18.19
C GLN C 139 1.45 -29.85 -19.64
N LEU C 140 0.63 -30.32 -20.57
CA LEU C 140 0.92 -30.22 -22.00
C LEU C 140 1.03 -28.76 -22.46
N GLY C 141 2.08 -28.47 -23.22
CA GLY C 141 2.29 -27.14 -23.79
C GLY C 141 2.81 -26.08 -22.84
N THR C 142 3.47 -26.51 -21.77
CA THR C 142 3.97 -25.60 -20.77
C THR C 142 5.48 -25.57 -20.78
N THR C 143 6.04 -24.61 -20.08
CA THR C 143 7.47 -24.49 -19.99
C THR C 143 8.07 -25.63 -19.19
N SER C 144 7.26 -26.26 -18.35
CA SER C 144 7.70 -27.44 -17.62
C SER C 144 7.88 -28.64 -18.58
N GLU C 145 6.99 -28.76 -19.57
CA GLU C 145 7.16 -29.79 -20.61
C GLU C 145 8.48 -29.59 -21.32
N GLN C 146 8.73 -28.35 -21.72
CA GLN C 146 9.97 -28.03 -22.40
C GLN C 146 11.16 -28.31 -21.52
N ALA C 147 11.08 -27.94 -20.24
CA ALA C 147 12.20 -28.10 -19.33
C ALA C 147 12.52 -29.56 -19.15
N ALA C 148 11.49 -30.38 -19.01
CA ALA C 148 11.68 -31.83 -18.89
C ALA C 148 12.23 -32.45 -20.17
N LYS C 149 11.75 -31.99 -21.34
CA LYS C 149 12.23 -32.46 -22.64
C LYS C 149 13.71 -32.24 -22.80
N GLU C 150 14.12 -31.02 -22.48
CA GLU C 150 15.50 -30.60 -22.65
C GLU C 150 16.42 -31.24 -21.61
N PHE C 151 16.01 -31.20 -20.34
CA PHE C 151 16.88 -31.54 -19.23
C PHE C 151 16.66 -32.95 -18.64
N LEU C 152 15.69 -33.69 -19.18
CA LEU C 152 15.46 -35.11 -18.81
C LEU C 152 15.11 -35.96 -20.03
N PRO C 153 15.97 -35.92 -21.05
CA PRO C 153 15.63 -36.58 -22.29
C PRO C 153 15.58 -38.12 -22.22
N LYS C 154 16.32 -38.70 -21.29
CA LYS C 154 16.28 -40.13 -21.08
C LYS C 154 14.98 -40.61 -20.39
N ALA C 155 14.30 -39.73 -19.67
CA ALA C 155 13.10 -40.11 -18.92
C ALA C 155 11.89 -40.25 -19.82
N LYS C 156 10.82 -40.82 -19.27
CA LYS C 156 9.54 -40.93 -19.96
C LYS C 156 8.65 -39.78 -19.54
N ILE C 157 8.42 -38.84 -20.45
CA ILE C 157 7.60 -37.69 -20.17
C ILE C 157 6.17 -37.99 -20.55
N ARG C 158 5.26 -37.79 -19.60
CA ARG C 158 3.84 -37.98 -19.84
C ARG C 158 3.11 -36.65 -19.62
N THR C 159 2.27 -36.29 -20.58
CA THR C 159 1.65 -34.98 -20.59
C THR C 159 0.16 -35.05 -20.25
N PHE C 160 -0.37 -33.96 -19.70
CA PHE C 160 -1.75 -33.87 -19.24
C PHE C 160 -2.35 -32.50 -19.55
N GLU C 161 -3.63 -32.49 -19.91
CA GLU C 161 -4.33 -31.24 -20.29
C GLU C 161 -4.33 -30.24 -19.13
N ASN C 162 -4.41 -30.75 -17.92
CA ASN C 162 -4.34 -29.87 -16.74
C ASN C 162 -3.41 -30.41 -15.67
N ASN C 163 -3.06 -29.56 -14.73
CA ASN C 163 -2.12 -29.94 -13.69
C ASN C 163 -2.69 -30.92 -12.68
N ALA C 164 -3.99 -30.87 -12.42
CA ALA C 164 -4.58 -31.73 -11.40
C ALA C 164 -4.31 -33.20 -11.73
N GLU C 165 -4.47 -33.58 -12.99
CA GLU C 165 -4.19 -34.94 -13.41
C GLU C 165 -2.76 -35.34 -13.19
N ALA C 166 -1.87 -34.40 -13.47
CA ALA C 166 -0.45 -34.65 -13.31
C ALA C 166 -0.17 -34.90 -11.86
N PHE C 167 -0.74 -34.04 -11.01
CA PHE C 167 -0.70 -34.28 -9.57
C PHE C 167 -1.20 -35.69 -9.22
N GLN C 168 -2.36 -36.05 -9.75
CA GLN C 168 -2.95 -37.36 -9.51
C GLN C 168 -2.02 -38.51 -9.95
N GLU C 169 -1.37 -38.35 -11.10
CA GLU C 169 -0.43 -39.36 -11.57
C GLU C 169 0.73 -39.63 -10.64
N VAL C 170 1.27 -38.59 -10.02
CA VAL C 170 2.39 -38.80 -9.10
C VAL C 170 1.89 -39.42 -7.78
N VAL C 171 0.72 -38.99 -7.30
CA VAL C 171 0.19 -39.57 -6.06
C VAL C 171 -0.17 -41.04 -6.23
N SER C 172 -0.77 -41.39 -7.36
CA SER C 172 -1.20 -42.75 -7.61
C SER C 172 -0.03 -43.71 -7.85
N GLY C 173 1.16 -43.14 -8.04
CA GLY C 173 2.35 -43.94 -8.31
C GLY C 173 2.62 -44.17 -9.79
N ARG C 174 1.73 -43.73 -10.67
CA ARG C 174 1.94 -43.91 -12.11
C ARG C 174 3.04 -43.01 -12.67
N ALA C 175 3.43 -42.03 -11.89
CA ALA C 175 4.60 -41.22 -12.24
C ALA C 175 5.43 -41.05 -11.00
N ASP C 176 6.73 -40.88 -11.21
CA ASP C 176 7.65 -40.78 -10.11
C ASP C 176 7.79 -39.35 -9.64
N ALA C 177 7.52 -38.41 -10.54
CA ALA C 177 7.60 -37.00 -10.24
C ALA C 177 6.74 -36.19 -11.18
N MET C 178 6.49 -34.94 -10.80
CA MET C 178 5.95 -33.95 -11.72
C MET C 178 6.73 -32.64 -11.61
N VAL C 179 6.80 -31.92 -12.72
CA VAL C 179 7.45 -30.65 -12.75
C VAL C 179 6.40 -29.60 -13.01
N THR C 180 6.54 -28.46 -12.35
CA THR C 180 5.58 -27.38 -12.48
C THR C 180 6.24 -26.08 -11.99
N ASP C 181 5.59 -24.94 -12.20
CA ASP C 181 6.11 -23.66 -11.72
C ASP C 181 6.26 -23.67 -10.21
N SER C 182 7.33 -23.07 -9.70
CA SER C 182 7.59 -23.11 -8.23
C SER C 182 6.37 -22.76 -7.39
N PRO C 183 5.69 -21.66 -7.74
CA PRO C 183 4.57 -21.26 -6.88
C PRO C 183 3.38 -22.24 -6.93
N VAL C 184 3.25 -22.97 -8.04
CA VAL C 184 2.22 -24.01 -8.12
C VAL C 184 2.62 -25.23 -7.30
N ALA C 185 3.89 -25.61 -7.42
CA ALA C 185 4.43 -26.72 -6.65
C ALA C 185 4.23 -26.52 -5.15
N ALA C 186 4.50 -25.30 -4.70
CA ALA C 186 4.35 -24.97 -3.29
C ALA C 186 2.90 -25.13 -2.90
N TYR C 187 2.01 -24.58 -3.70
CA TYR C 187 0.58 -24.67 -3.43
C TYR C 187 0.13 -26.14 -3.33
N TYR C 188 0.56 -27.00 -4.25
CA TYR C 188 0.22 -28.43 -4.17
C TYR C 188 0.81 -29.14 -2.96
N ALA C 189 1.93 -28.64 -2.44
CA ALA C 189 2.55 -29.28 -1.28
C ALA C 189 1.65 -29.10 -0.04
N LYS C 190 0.78 -28.07 -0.06
CA LYS C 190 -0.51 -28.08 0.67
C LYS C 190 -0.87 -26.69 1.21
N LEU C 195 -1.92 -34.36 3.38
CA LEU C 195 -1.36 -34.28 2.04
C LEU C 195 0.13 -34.57 2.14
N ALA C 196 0.67 -35.43 1.28
CA ALA C 196 2.00 -35.98 1.52
C ALA C 196 2.86 -36.14 0.25
N VAL C 197 2.71 -35.17 -0.65
CA VAL C 197 3.74 -34.90 -1.65
C VAL C 197 4.80 -33.94 -1.02
N VAL C 198 5.97 -33.88 -1.63
CA VAL C 198 7.05 -33.00 -1.16
C VAL C 198 7.75 -32.32 -2.34
N VAL C 199 8.30 -31.14 -2.06
CA VAL C 199 9.06 -30.35 -3.04
C VAL C 199 10.55 -30.65 -2.92
N VAL C 200 11.26 -30.72 -4.05
CA VAL C 200 12.74 -30.85 -3.99
C VAL C 200 13.51 -29.57 -4.38
N ASP C 201 14.64 -29.33 -3.71
CA ASP C 201 15.55 -28.20 -3.98
C ASP C 201 16.78 -28.54 -4.86
N GLU C 202 17.04 -27.71 -5.89
CA GLU C 202 18.19 -27.87 -6.82
C GLU C 202 19.03 -26.54 -6.95
N PRO C 203 19.49 -26.16 -8.19
CA PRO C 203 20.07 -24.82 -8.42
C PRO C 203 19.18 -23.78 -9.15
N PHE C 204 19.49 -22.50 -8.93
CA PHE C 204 18.71 -21.33 -9.46
C PHE C 204 18.54 -21.14 -11.00
N THR C 205 17.30 -21.01 -11.48
CA THR C 205 16.97 -20.69 -12.88
C THR C 205 15.52 -20.24 -13.13
N HIS C 206 15.28 -18.92 -13.04
CA HIS C 206 13.92 -18.37 -13.04
C HIS C 206 13.59 -17.72 -14.37
N GLU C 207 12.30 -17.67 -14.70
CA GLU C 207 11.82 -17.03 -15.94
C GLU C 207 10.70 -16.05 -15.58
N PRO C 208 10.61 -14.94 -16.29
CA PRO C 208 9.57 -13.98 -16.01
C PRO C 208 8.21 -14.43 -16.54
N LEU C 209 7.15 -14.11 -15.80
CA LEU C 209 5.78 -14.20 -16.31
C LEU C 209 5.36 -12.83 -16.80
N GLY C 210 4.46 -12.80 -17.80
CA GLY C 210 3.90 -11.57 -18.28
C GLY C 210 2.45 -11.74 -18.70
N PHE C 211 1.80 -10.62 -18.94
CA PHE C 211 0.48 -10.59 -19.55
C PHE C 211 0.59 -10.40 -21.06
N ALA C 212 -0.15 -11.20 -21.82
CA ALA C 212 -0.06 -11.19 -23.26
C ALA C 212 -1.16 -10.36 -23.90
N ILE C 213 -0.83 -9.64 -24.96
CA ILE C 213 -1.83 -8.98 -25.79
C ILE C 213 -1.49 -9.17 -27.25
N ARG C 214 -2.47 -8.96 -28.12
CA ARG C 214 -2.23 -9.02 -29.54
C ARG C 214 -1.17 -8.01 -29.97
N LYS C 215 -0.40 -8.38 -31.00
CA LYS C 215 0.53 -7.47 -31.66
C LYS C 215 -0.21 -6.25 -32.21
N GLY C 216 0.54 -5.18 -32.45
CA GLY C 216 0.01 -3.98 -33.10
C GLY C 216 -0.89 -3.14 -32.23
N ASP C 217 -0.59 -3.07 -30.94
CA ASP C 217 -1.42 -2.33 -29.99
C ASP C 217 -0.59 -1.70 -28.89
N PRO C 218 0.40 -0.89 -29.28
CA PRO C 218 1.32 -0.32 -28.29
C PRO C 218 0.65 0.59 -27.24
N GLU C 219 -0.49 1.17 -27.57
CA GLU C 219 -1.23 1.99 -26.60
C GLU C 219 -1.55 1.11 -25.39
N LEU C 220 -2.17 -0.04 -25.66
CA LEU C 220 -2.56 -0.94 -24.59
C LEU C 220 -1.34 -1.46 -23.84
N LEU C 221 -0.29 -1.81 -24.60
CA LEU C 221 0.91 -2.35 -24.00
C LEU C 221 1.56 -1.35 -23.05
N ASN C 222 1.68 -0.11 -23.51
CA ASN C 222 2.24 0.97 -22.70
C ASN C 222 1.40 1.20 -21.46
N TRP C 223 0.09 1.13 -21.63
CA TRP C 223 -0.81 1.36 -20.54
C TRP C 223 -0.57 0.31 -19.46
N VAL C 224 -0.61 -0.95 -19.87
CA VAL C 224 -0.38 -2.06 -18.97
C VAL C 224 0.95 -1.89 -18.26
N ASN C 225 2.01 -1.61 -19.03
CA ASN C 225 3.32 -1.42 -18.40
C ASN C 225 3.33 -0.24 -17.43
N ASN C 226 2.69 0.86 -17.80
CA ASN C 226 2.65 1.99 -16.90
C ASN C 226 1.95 1.59 -15.61
N TRP C 227 0.84 0.89 -15.76
CA TRP C 227 -0.04 0.50 -14.66
C TRP C 227 0.69 -0.39 -13.69
N LEU C 228 1.41 -1.34 -14.26
CA LEU C 228 2.21 -2.27 -13.49
C LEU C 228 3.33 -1.55 -12.75
N LYS C 229 4.08 -0.72 -13.47
CA LYS C 229 5.10 0.14 -12.88
C LYS C 229 4.56 0.90 -11.62
N GLN C 230 3.39 1.50 -11.77
CA GLN C 230 2.73 2.22 -10.70
C GLN C 230 2.42 1.38 -9.47
N MET C 231 1.97 0.14 -9.67
CA MET C 231 1.62 -0.72 -8.55
C MET C 231 2.83 -1.23 -7.75
N LYS C 232 3.95 -1.38 -8.45
CA LYS C 232 5.20 -1.75 -7.80
C LYS C 232 5.76 -0.59 -7.00
N LYS C 233 5.48 0.63 -7.45
CA LYS C 233 5.96 1.84 -6.81
C LYS C 233 5.21 2.18 -5.54
N ASP C 234 3.90 1.93 -5.51
CA ASP C 234 3.03 2.50 -4.48
C ASP C 234 2.53 1.47 -3.48
N GLY C 235 3.22 0.32 -3.40
CA GLY C 235 2.92 -0.69 -2.38
C GLY C 235 1.84 -1.70 -2.73
N THR C 236 1.01 -1.38 -3.74
CA THR C 236 -0.16 -2.20 -4.07
C THR C 236 0.19 -3.59 -4.54
N TYR C 237 1.29 -3.69 -5.29
CA TYR C 237 1.75 -4.99 -5.80
C TYR C 237 2.29 -5.88 -4.68
N ASP C 238 3.17 -5.32 -3.86
CA ASP C 238 3.76 -6.07 -2.75
C ASP C 238 2.68 -6.63 -1.83
N LYS C 239 1.67 -5.82 -1.49
CA LYS C 239 0.57 -6.30 -0.63
C LYS C 239 -0.03 -7.54 -1.28
N LEU C 240 -0.20 -7.49 -2.59
CA LEU C 240 -0.84 -8.56 -3.33
C LEU C 240 0.04 -9.81 -3.52
N TYR C 241 1.33 -9.59 -3.70
CA TYR C 241 2.27 -10.68 -3.80
C TYR C 241 2.30 -11.47 -2.50
N GLU C 242 2.54 -10.79 -1.38
CA GLU C 242 2.64 -11.48 -0.09
C GLU C 242 1.32 -12.14 0.29
N LYS C 243 0.22 -11.64 -0.25
CA LYS C 243 -1.08 -12.23 -0.01
C LYS C 243 -1.20 -13.63 -0.62
N TRP C 244 -0.61 -13.84 -1.79
CA TRP C 244 -0.74 -15.13 -2.51
C TRP C 244 0.48 -16.03 -2.42
N PHE C 245 1.64 -15.48 -2.06
CA PHE C 245 2.89 -16.25 -1.96
C PHE C 245 3.59 -16.23 -0.57
N LYS C 246 2.91 -15.69 0.44
CA LYS C 246 3.35 -15.78 1.86
C LYS C 246 4.61 -16.61 2.11
N ALA D 13 -1.36 -10.70 12.88
CA ALA D 13 -0.80 -9.55 12.11
C ALA D 13 -1.05 -8.19 12.75
N SER D 14 -0.83 -8.07 14.07
CA SER D 14 -0.84 -6.76 14.77
C SER D 14 0.32 -5.98 14.19
N THR D 15 0.11 -4.70 13.95
CA THR D 15 1.19 -3.84 13.47
C THR D 15 2.36 -3.88 14.45
N LEU D 16 2.09 -4.05 15.74
CA LEU D 16 3.15 -4.15 16.71
C LEU D 16 4.14 -5.24 16.30
N ASP D 17 3.60 -6.39 15.92
CA ASP D 17 4.46 -7.52 15.53
C ASP D 17 5.22 -7.11 14.29
N GLU D 18 4.49 -6.56 13.32
CA GLU D 18 5.09 -6.11 12.06
C GLU D 18 6.22 -5.11 12.30
N ILE D 19 6.00 -4.16 13.21
CA ILE D 19 7.02 -3.18 13.58
C ILE D 19 8.28 -3.88 14.07
N MET D 20 8.13 -4.74 15.07
CA MET D 20 9.29 -5.35 15.73
C MET D 20 10.06 -6.34 14.84
N LYS D 21 9.34 -7.08 14.01
CA LYS D 21 9.95 -7.94 12.98
C LYS D 21 10.78 -7.11 12.01
N ARG D 22 10.15 -6.09 11.46
CA ARG D 22 10.79 -5.25 10.45
C ARG D 22 11.94 -4.43 11.01
N GLY D 23 11.87 -4.08 12.30
CA GLY D 23 13.00 -3.40 12.97
C GLY D 23 12.94 -1.89 12.95
N THR D 24 11.86 -1.34 12.42
CA THR D 24 11.70 0.09 12.24
C THR D 24 10.29 0.53 12.56
N LEU D 25 10.16 1.71 13.15
CA LEU D 25 8.85 2.32 13.37
C LEU D 25 8.63 3.37 12.29
N ARG D 26 7.54 3.23 11.54
CA ARG D 26 7.24 4.17 10.45
C ARG D 26 6.24 5.18 10.94
N VAL D 27 6.67 6.44 11.02
CA VAL D 27 5.82 7.54 11.53
C VAL D 27 5.37 8.48 10.44
N GLY D 28 4.08 8.44 10.13
CA GLY D 28 3.48 9.37 9.16
C GLY D 28 3.44 10.75 9.75
N THR D 29 4.09 11.69 9.07
CA THR D 29 4.11 13.07 9.55
C THR D 29 4.35 14.09 8.46
N ASP D 30 4.36 15.35 8.89
CA ASP D 30 4.31 16.52 8.01
C ASP D 30 5.67 17.18 7.92
N ALA D 31 6.10 17.47 6.71
CA ALA D 31 7.40 18.12 6.52
C ALA D 31 7.38 19.61 6.87
N ASP D 32 6.21 20.22 7.12
CA ASP D 32 6.18 21.65 7.41
C ASP D 32 5.03 22.10 8.35
N TYR D 33 5.23 21.88 9.65
CA TYR D 33 4.22 22.16 10.64
C TYR D 33 4.89 22.42 11.97
N LYS D 34 5.63 23.51 12.00
CA LYS D 34 6.28 23.93 13.20
C LYS D 34 5.26 24.34 14.25
N PRO D 35 5.52 24.02 15.53
CA PRO D 35 6.71 23.37 16.03
C PRO D 35 6.56 21.85 16.17
N PHE D 36 5.58 21.27 15.51
CA PHE D 36 5.30 19.85 15.69
C PHE D 36 6.26 18.99 14.87
N SER D 37 6.37 19.26 13.57
CA SER D 37 7.33 18.54 12.72
C SER D 37 7.74 19.36 11.52
N PHE D 38 9.05 19.39 11.26
CA PHE D 38 9.66 20.06 10.10
C PHE D 38 10.84 19.24 9.60
N LYS D 39 11.00 19.05 8.27
CA LYS D 39 12.23 18.42 7.68
C LYS D 39 13.07 19.43 6.93
N ASP D 40 14.37 19.34 7.17
CA ASP D 40 15.31 20.27 6.58
C ASP D 40 15.81 19.81 5.20
N LYS D 41 16.68 20.64 4.63
CA LYS D 41 17.34 20.41 3.35
C LYS D 41 17.95 19.00 3.18
N ASN D 42 18.45 18.43 4.28
CA ASN D 42 19.04 17.07 4.26
C ASN D 42 18.06 15.97 4.63
N GLY D 43 16.75 16.26 4.53
CA GLY D 43 15.74 15.28 4.89
C GLY D 43 15.82 14.85 6.34
N GLN D 44 16.36 15.71 7.20
CA GLN D 44 16.36 15.48 8.65
C GLN D 44 15.19 16.20 9.32
N TYR D 45 14.72 15.63 10.40
CA TYR D 45 13.42 16.00 10.95
C TYR D 45 13.56 16.53 12.36
N THR D 46 12.67 17.44 12.76
CA THR D 46 12.78 18.05 14.07
C THR D 46 11.44 18.61 14.51
N GLY D 47 11.21 18.66 15.82
CA GLY D 47 9.93 19.09 16.38
C GLY D 47 9.47 18.26 17.55
N PHE D 48 8.38 18.69 18.17
CA PHE D 48 7.76 17.98 19.29
C PHE D 48 7.31 16.56 18.89
N ASP D 49 6.59 16.44 17.78
CA ASP D 49 6.12 15.14 17.33
C ASP D 49 7.30 14.25 16.96
N ILE D 50 8.38 14.86 16.52
CA ILE D 50 9.57 14.11 16.12
C ILE D 50 10.24 13.55 17.36
N ASP D 51 10.48 14.39 18.34
CA ASP D 51 11.11 13.93 19.57
C ASP D 51 10.27 12.83 20.25
N LEU D 52 8.94 13.01 20.26
CA LEU D 52 8.05 11.98 20.78
C LEU D 52 8.17 10.69 19.98
N ALA D 53 8.08 10.79 18.67
CA ALA D 53 8.32 9.65 17.78
C ALA D 53 9.60 8.91 18.11
N LYS D 54 10.69 9.66 18.31
CA LYS D 54 11.95 9.07 18.69
C LYS D 54 11.85 8.33 19.98
N ALA D 55 11.19 8.96 20.96
CA ALA D 55 11.05 8.36 22.27
C ALA D 55 10.28 7.04 22.18
N LEU D 56 9.19 7.03 21.40
CA LEU D 56 8.42 5.81 21.17
C LEU D 56 9.23 4.70 20.49
N ALA D 57 9.94 5.04 19.42
CA ALA D 57 10.85 4.10 18.80
C ALA D 57 11.84 3.49 19.83
N LYS D 58 12.54 4.32 20.62
CA LYS D 58 13.46 3.78 21.67
C LYS D 58 12.73 2.74 22.55
N GLU D 59 11.58 3.13 23.08
CA GLU D 59 10.74 2.25 23.88
C GLU D 59 10.52 0.91 23.18
N LEU D 60 10.25 0.98 21.87
CA LEU D 60 9.97 -0.19 21.03
C LEU D 60 11.20 -1.00 20.69
N GLY D 61 12.38 -0.49 21.00
CA GLY D 61 13.64 -1.13 20.61
C GLY D 61 13.90 -1.11 19.11
N VAL D 62 13.47 -0.06 18.44
CA VAL D 62 13.62 0.01 16.99
C VAL D 62 14.06 1.38 16.51
N LYS D 63 14.49 1.43 15.24
CA LYS D 63 14.79 2.66 14.53
C LYS D 63 13.51 3.37 14.09
N VAL D 64 13.65 4.67 13.87
CA VAL D 64 12.55 5.50 13.41
C VAL D 64 12.73 5.90 11.95
N GLU D 65 11.65 5.76 11.18
CA GLU D 65 11.64 6.29 9.82
C GLU D 65 10.41 7.19 9.67
N PHE D 66 10.62 8.40 9.16
CA PHE D 66 9.52 9.35 8.99
C PHE D 66 9.06 9.33 7.55
N VAL D 67 7.74 9.30 7.40
CA VAL D 67 7.13 9.21 6.07
C VAL D 67 6.44 10.53 5.82
N PRO D 68 7.14 11.45 5.12
CA PRO D 68 6.45 12.71 4.81
C PRO D 68 5.15 12.44 4.10
N THR D 69 4.10 13.12 4.54
CA THR D 69 2.77 12.90 4.02
C THR D 69 2.00 14.18 4.05
N THR D 70 1.25 14.44 2.99
CA THR D 70 0.47 15.63 2.89
C THR D 70 -0.71 15.49 3.85
N TRP D 71 -0.97 16.54 4.62
CA TRP D 71 -2.03 16.49 5.63
C TRP D 71 -3.38 15.90 5.14
N ASP D 72 -3.86 16.39 4.00
CA ASP D 72 -5.22 16.05 3.59
C ASP D 72 -5.44 14.54 3.39
N GLY D 73 -4.44 13.84 2.87
CA GLY D 73 -4.49 12.39 2.68
C GLY D 73 -3.78 11.57 3.76
N ILE D 74 -3.55 12.16 4.92
CA ILE D 74 -2.78 11.47 5.94
C ILE D 74 -3.52 10.28 6.57
N ILE D 75 -4.84 10.40 6.74
CA ILE D 75 -5.62 9.27 7.25
C ILE D 75 -5.72 8.15 6.22
N PRO D 76 -5.98 8.49 4.95
CA PRO D 76 -5.99 7.41 3.96
C PRO D 76 -4.63 6.71 3.83
N ALA D 77 -3.55 7.46 3.97
CA ALA D 77 -2.24 6.87 3.91
C ALA D 77 -2.07 5.87 5.08
N LEU D 78 -2.58 6.23 6.24
CA LEU D 78 -2.47 5.39 7.42
C LEU D 78 -3.27 4.13 7.20
N GLN D 79 -4.53 4.30 6.78
CA GLN D 79 -5.44 3.17 6.59
C GLN D 79 -4.97 2.15 5.55
N THR D 80 -4.16 2.59 4.59
CA THR D 80 -3.66 1.70 3.54
C THR D 80 -2.25 1.27 3.83
N GLY D 81 -1.81 1.43 5.07
CA GLY D 81 -0.52 0.91 5.48
C GLY D 81 0.75 1.59 4.95
N LYS D 82 0.69 2.87 4.66
CA LYS D 82 1.90 3.59 4.26
C LYS D 82 2.82 3.88 5.45
N PHE D 83 2.28 3.84 6.66
CA PHE D 83 3.07 3.92 7.85
C PHE D 83 2.27 3.35 9.01
N ASP D 84 2.87 3.25 10.19
CA ASP D 84 2.19 2.64 11.34
C ASP D 84 1.39 3.59 12.22
N ILE D 85 1.78 4.85 12.26
CA ILE D 85 1.23 5.77 13.27
C ILE D 85 1.34 7.23 12.80
N VAL D 86 0.30 8.00 13.08
CA VAL D 86 0.30 9.43 12.75
C VAL D 86 0.76 10.25 13.95
N MET D 87 1.85 10.98 13.80
CA MET D 87 2.28 11.89 14.82
C MET D 87 2.50 13.19 14.11
N SER D 88 1.45 14.01 14.09
CA SER D 88 1.43 15.17 13.25
C SER D 88 0.45 16.22 13.72
N GLY D 89 0.46 16.50 15.02
CA GLY D 89 -0.38 17.54 15.60
C GLY D 89 -1.84 17.31 15.37
N MET D 90 -2.27 16.06 15.43
CA MET D 90 -3.64 15.71 15.06
C MET D 90 -4.65 15.81 16.21
N THR D 91 -5.64 16.67 16.03
CA THR D 91 -6.74 16.80 16.95
C THR D 91 -7.62 15.56 16.90
N ILE D 92 -8.06 15.10 18.08
CA ILE D 92 -9.01 13.99 18.19
C ILE D 92 -10.38 14.54 17.96
N THR D 93 -11.08 14.03 16.94
CA THR D 93 -12.46 14.44 16.68
C THR D 93 -13.38 13.22 16.52
N PRO D 94 -14.68 13.41 16.75
CA PRO D 94 -15.63 12.30 16.57
C PRO D 94 -15.57 11.72 15.16
N GLU D 95 -15.63 12.59 14.16
CA GLU D 95 -15.61 12.16 12.78
C GLU D 95 -14.37 11.31 12.48
N ARG D 96 -13.20 11.72 12.97
CA ARG D 96 -11.95 10.99 12.77
C ARG D 96 -11.87 9.68 13.57
N LYS D 97 -12.42 9.69 14.79
CA LYS D 97 -12.54 8.47 15.63
C LYS D 97 -13.25 7.31 14.91
N LYS D 98 -14.18 7.64 14.02
CA LYS D 98 -14.86 6.64 13.21
C LYS D 98 -13.94 5.95 12.21
N LYS D 99 -12.83 6.59 11.86
CA LYS D 99 -11.93 6.05 10.85
C LYS D 99 -10.67 5.41 11.44
N VAL D 100 -10.21 5.95 12.54
CA VAL D 100 -8.98 5.47 13.16
C VAL D 100 -9.13 5.50 14.67
N ASP D 101 -8.19 4.86 15.37
CA ASP D 101 -8.13 4.90 16.83
C ASP D 101 -7.08 5.92 17.28
N PHE D 102 -7.38 6.65 18.34
CA PHE D 102 -6.45 7.60 18.90
C PHE D 102 -5.89 7.16 20.23
N SER D 103 -4.63 7.49 20.44
CA SER D 103 -4.02 7.40 21.74
C SER D 103 -4.74 8.32 22.73
N ASP D 104 -4.32 8.25 23.98
CA ASP D 104 -4.71 9.24 24.98
C ASP D 104 -4.14 10.59 24.57
N PRO D 105 -4.77 11.70 25.00
CA PRO D 105 -4.32 13.02 24.63
C PRO D 105 -2.84 13.24 24.94
N TYR D 106 -2.07 13.77 23.99
CA TYR D 106 -0.67 14.09 24.26
C TYR D 106 -0.37 15.60 24.33
N MET D 107 -1.41 16.40 24.26
CA MET D 107 -1.30 17.84 24.05
C MET D 107 -2.72 18.39 23.96
N THR D 108 -2.85 19.70 24.17
CA THR D 108 -4.12 20.41 23.92
C THR D 108 -3.89 21.66 23.14
N ALA D 109 -4.86 21.99 22.31
CA ALA D 109 -4.78 23.16 21.50
C ALA D 109 -6.14 23.81 21.35
N GLY D 110 -6.17 25.12 21.49
CA GLY D 110 -7.34 25.91 21.18
C GLY D 110 -7.16 26.49 19.78
N GLN D 111 -8.22 27.10 19.24
CA GLN D 111 -8.17 27.80 17.96
C GLN D 111 -7.86 29.25 18.21
N THR D 112 -6.88 29.78 17.50
CA THR D 112 -6.45 31.14 17.70
C THR D 112 -6.48 31.90 16.39
N ILE D 113 -6.83 33.19 16.47
CA ILE D 113 -6.87 34.08 15.34
C ILE D 113 -5.63 34.92 15.34
N LEU D 114 -5.04 35.07 14.17
CA LEU D 114 -3.86 35.88 13.98
C LEU D 114 -4.22 37.02 13.04
N VAL D 115 -3.81 38.25 13.38
CA VAL D 115 -4.02 39.43 12.52
C VAL D 115 -2.79 40.36 12.49
N LYS D 116 -2.79 41.32 11.57
CA LYS D 116 -1.71 42.31 11.52
C LYS D 116 -1.81 43.19 12.77
N LYS D 117 -0.66 43.54 13.35
CA LYS D 117 -0.63 44.43 14.55
C LYS D 117 -1.46 45.68 14.37
N ASP D 118 -1.34 46.33 13.21
CA ASP D 118 -2.16 47.49 12.86
C ASP D 118 -3.67 47.19 13.05
N ASN D 119 -4.16 46.13 12.39
CA ASN D 119 -5.60 45.79 12.39
C ASN D 119 -6.08 45.04 13.65
N ALA D 120 -5.27 45.05 14.71
CA ALA D 120 -5.64 44.44 16.01
C ALA D 120 -6.75 45.24 16.72
N ASP D 121 -6.88 46.52 16.39
CA ASP D 121 -8.03 47.32 16.83
C ASP D 121 -9.24 46.78 16.07
N LYS D 122 -10.39 46.69 16.73
CA LYS D 122 -11.64 46.33 16.05
C LYS D 122 -11.78 44.87 15.60
N ILE D 123 -10.88 43.98 16.03
CA ILE D 123 -11.18 42.54 16.03
C ILE D 123 -11.17 42.01 17.47
N LYS D 124 -12.33 42.07 18.12
CA LYS D 124 -12.49 41.60 19.49
C LYS D 124 -12.51 40.07 19.58
N SER D 125 -13.26 39.42 18.68
CA SER D 125 -13.51 37.98 18.77
C SER D 125 -13.80 37.34 17.40
N PHE D 126 -14.14 36.04 17.43
CA PHE D 126 -14.57 35.31 16.24
C PHE D 126 -15.71 36.01 15.54
N GLU D 127 -16.72 36.39 16.32
CA GLU D 127 -17.89 37.09 15.79
C GLU D 127 -17.51 38.29 14.92
N ASP D 128 -16.48 39.03 15.32
CA ASP D 128 -16.03 40.20 14.54
C ASP D 128 -15.47 39.87 13.13
N LEU D 129 -15.13 38.60 12.90
CA LEU D 129 -14.67 38.14 11.60
C LEU D 129 -15.79 37.61 10.71
N ASN D 130 -16.99 37.44 11.27
CA ASN D 130 -18.12 36.88 10.54
C ASN D 130 -18.90 37.97 9.78
N LYS D 131 -18.17 38.80 9.05
CA LYS D 131 -18.72 39.81 8.14
C LYS D 131 -18.45 39.34 6.69
N PRO D 132 -19.21 39.83 5.70
CA PRO D 132 -19.04 39.34 4.31
C PRO D 132 -17.82 39.89 3.55
N ASP D 133 -17.25 41.00 4.02
CA ASP D 133 -16.04 41.58 3.43
C ASP D 133 -14.73 40.99 3.98
N VAL D 134 -14.82 40.22 5.06
CA VAL D 134 -13.65 39.64 5.72
C VAL D 134 -13.14 38.36 5.03
N LYS D 135 -11.85 38.33 4.72
CA LYS D 135 -11.18 37.14 4.15
C LYS D 135 -10.32 36.53 5.22
N VAL D 136 -10.52 35.25 5.49
CA VAL D 136 -9.68 34.54 6.46
C VAL D 136 -9.05 33.28 5.87
N ALA D 137 -7.77 33.10 6.20
CA ALA D 137 -6.96 32.01 5.66
C ALA D 137 -6.79 30.88 6.67
N VAL D 138 -6.76 29.64 6.17
CA VAL D 138 -6.61 28.45 7.02
C VAL D 138 -5.96 27.35 6.23
N GLN D 139 -5.41 26.34 6.96
CA GLN D 139 -4.81 25.18 6.34
C GLN D 139 -5.92 24.22 5.93
N LEU D 140 -5.87 23.75 4.69
CA LEU D 140 -6.90 22.86 4.13
C LEU D 140 -6.99 21.55 4.91
N GLY D 141 -8.20 21.14 5.25
CA GLY D 141 -8.43 19.86 5.94
C GLY D 141 -8.10 19.82 7.44
N THR D 142 -8.16 20.98 8.09
CA THR D 142 -7.83 21.08 9.50
C THR D 142 -9.05 21.48 10.32
N THR D 143 -8.94 21.36 11.62
CA THR D 143 -10.03 21.76 12.50
C THR D 143 -10.25 23.28 12.42
N SER D 144 -9.22 24.04 12.02
CA SER D 144 -9.35 25.49 11.85
C SER D 144 -10.25 25.81 10.64
N GLU D 145 -10.14 25.03 9.59
CA GLU D 145 -11.06 25.16 8.46
C GLU D 145 -12.47 24.93 8.91
N GLN D 146 -12.67 23.85 9.67
CA GLN D 146 -14.00 23.51 10.15
C GLN D 146 -14.54 24.60 11.08
N ALA D 147 -13.67 25.11 11.95
CA ALA D 147 -14.09 26.12 12.90
C ALA D 147 -14.53 27.38 12.18
N ALA D 148 -13.77 27.77 11.14
CA ALA D 148 -14.11 28.95 10.36
C ALA D 148 -15.37 28.76 9.51
N LYS D 149 -15.55 27.56 8.95
CA LYS D 149 -16.79 27.22 8.22
C LYS D 149 -18.04 27.35 9.06
N GLU D 150 -17.99 26.78 10.26
CA GLU D 150 -19.13 26.73 11.18
C GLU D 150 -19.39 28.10 11.79
N PHE D 151 -18.34 28.74 12.30
CA PHE D 151 -18.49 29.96 13.12
C PHE D 151 -18.28 31.29 12.36
N LEU D 152 -17.92 31.23 11.07
CA LEU D 152 -17.76 32.43 10.24
C LEU D 152 -18.32 32.20 8.84
N PRO D 153 -19.59 31.80 8.76
CA PRO D 153 -20.16 31.41 7.48
C PRO D 153 -20.37 32.58 6.51
N LYS D 154 -20.53 33.79 7.03
CA LYS D 154 -20.61 34.98 6.17
C LYS D 154 -19.26 35.39 5.55
N ALA D 155 -18.15 34.98 6.15
CA ALA D 155 -16.82 35.39 5.67
C ALA D 155 -16.39 34.60 4.44
N LYS D 156 -15.31 35.07 3.80
CA LYS D 156 -14.69 34.35 2.70
C LYS D 156 -13.52 33.53 3.22
N ILE D 157 -13.67 32.22 3.20
CA ILE D 157 -12.62 31.34 3.66
C ILE D 157 -11.75 30.94 2.48
N ARG D 158 -10.45 31.18 2.62
CA ARG D 158 -9.45 30.71 1.65
C ARG D 158 -8.51 29.67 2.28
N THR D 159 -8.32 28.57 1.57
CA THR D 159 -7.56 27.46 2.10
C THR D 159 -6.18 27.32 1.43
N PHE D 160 -5.25 26.72 2.17
CA PHE D 160 -3.87 26.59 1.76
C PHE D 160 -3.29 25.24 2.19
N GLU D 161 -2.45 24.66 1.32
CA GLU D 161 -1.90 23.32 1.59
C GLU D 161 -1.10 23.37 2.86
N ASN D 162 -0.44 24.48 3.12
CA ASN D 162 0.38 24.60 4.33
CA ASN D 162 0.37 24.61 4.32
C ASN D 162 0.18 25.95 4.98
N ASN D 163 0.62 26.02 6.20
CA ASN D 163 0.36 27.18 7.01
C ASN D 163 1.19 28.38 6.62
N ALA D 164 2.39 28.16 6.08
CA ALA D 164 3.26 29.28 5.73
C ALA D 164 2.59 30.25 4.74
N GLU D 165 1.93 29.67 3.73
CA GLU D 165 1.19 30.47 2.77
C GLU D 165 0.08 31.28 3.41
N ALA D 166 -0.61 30.65 4.34
CA ALA D 166 -1.70 31.29 5.02
C ALA D 166 -1.16 32.47 5.77
N PHE D 167 -0.07 32.22 6.49
CA PHE D 167 0.67 33.30 7.14
C PHE D 167 1.02 34.41 6.12
N GLN D 168 1.60 34.04 4.99
CA GLN D 168 1.91 35.02 3.94
C GLN D 168 0.69 35.83 3.45
N GLU D 169 -0.46 35.16 3.28
CA GLU D 169 -1.68 35.84 2.89
C GLU D 169 -2.14 36.93 3.84
N VAL D 170 -2.01 36.69 5.13
CA VAL D 170 -2.41 37.72 6.08
C VAL D 170 -1.40 38.86 6.11
N VAL D 171 -0.11 38.56 6.04
CA VAL D 171 0.89 39.64 6.07
C VAL D 171 0.80 40.52 4.84
N SER D 172 0.60 39.90 3.69
CA SER D 172 0.51 40.64 2.43
C SER D 172 -0.76 41.51 2.31
N GLY D 173 -1.71 41.28 3.21
CA GLY D 173 -2.98 42.00 3.19
C GLY D 173 -4.06 41.33 2.35
N ARG D 174 -3.73 40.23 1.69
CA ARG D 174 -4.75 39.49 0.92
C ARG D 174 -5.78 38.75 1.79
N ALA D 175 -5.46 38.60 3.07
CA ALA D 175 -6.42 38.08 4.02
C ALA D 175 -6.37 38.97 5.24
N ASP D 176 -7.48 39.05 5.95
CA ASP D 176 -7.58 39.92 7.10
C ASP D 176 -7.11 39.21 8.34
N ALA D 177 -7.21 37.87 8.33
CA ALA D 177 -6.83 37.05 9.46
C ALA D 177 -6.54 35.65 9.02
N MET D 178 -5.90 34.89 9.91
CA MET D 178 -5.82 33.45 9.78
C MET D 178 -6.15 32.79 11.09
N VAL D 179 -6.72 31.59 10.99
CA VAL D 179 -6.99 30.80 12.17
C VAL D 179 -6.08 29.59 12.16
N THR D 180 -5.58 29.21 13.33
CA THR D 180 -4.70 28.06 13.45
C THR D 180 -4.67 27.57 14.91
N ASP D 181 -4.06 26.43 15.17
CA ASP D 181 -3.95 25.93 16.55
C ASP D 181 -3.16 26.93 17.40
N SER D 182 -3.56 27.11 18.65
CA SER D 182 -2.95 28.08 19.51
C SER D 182 -1.41 28.01 19.52
N PRO D 183 -0.83 26.81 19.65
CA PRO D 183 0.62 26.76 19.72
C PRO D 183 1.30 27.17 18.42
N VAL D 184 0.60 26.99 17.30
CA VAL D 184 1.16 27.38 16.01
C VAL D 184 1.08 28.89 15.89
N ALA D 185 -0.06 29.44 16.30
CA ALA D 185 -0.27 30.89 16.29
C ALA D 185 0.80 31.59 17.13
N ALA D 186 1.08 31.05 18.30
CA ALA D 186 2.07 31.61 19.20
C ALA D 186 3.43 31.58 18.53
N TYR D 187 3.78 30.43 17.96
CA TYR D 187 5.04 30.27 17.23
C TYR D 187 5.18 31.32 16.10
N TYR D 188 4.15 31.52 15.30
CA TYR D 188 4.18 32.55 14.26
C TYR D 188 4.29 33.99 14.79
N ALA D 189 3.79 34.23 16.00
CA ALA D 189 3.85 35.57 16.57
C ALA D 189 5.29 35.93 16.93
N LYS D 190 6.17 34.95 17.11
CA LYS D 190 7.64 35.16 16.86
C LYS D 190 8.50 34.83 18.10
N ALA D 196 6.60 39.15 13.76
CA ALA D 196 6.13 40.39 14.37
C ALA D 196 4.68 40.77 14.00
N VAL D 197 3.82 39.75 13.79
CA VAL D 197 2.32 39.90 13.75
C VAL D 197 1.69 39.61 15.14
N VAL D 198 0.35 39.61 15.24
CA VAL D 198 -0.32 39.57 16.56
C VAL D 198 -1.50 38.58 16.77
N VAL D 199 -1.58 38.03 17.99
CA VAL D 199 -2.60 37.04 18.39
C VAL D 199 -3.77 37.73 19.08
N VAL D 200 -4.99 37.27 18.81
CA VAL D 200 -6.17 37.79 19.55
C VAL D 200 -6.72 36.81 20.60
N THR D 205 -11.93 27.43 24.17
CA THR D 205 -11.91 26.07 24.73
C THR D 205 -11.06 25.14 23.85
N HIS D 206 -10.50 24.15 24.51
CA HIS D 206 -9.37 23.41 23.99
C HIS D 206 -9.79 22.01 23.59
N GLU D 207 -9.05 21.43 22.65
CA GLU D 207 -9.29 20.07 22.19
C GLU D 207 -8.00 19.27 22.29
N PRO D 208 -8.11 17.99 22.63
CA PRO D 208 -6.93 17.16 22.76
C PRO D 208 -6.35 16.76 21.42
N LEU D 209 -5.02 16.67 21.33
CA LEU D 209 -4.35 16.04 20.19
C LEU D 209 -4.03 14.63 20.58
N GLY D 210 -3.97 13.74 19.61
CA GLY D 210 -3.55 12.34 19.82
C GLY D 210 -2.80 11.79 18.63
N PHE D 211 -2.19 10.62 18.83
CA PHE D 211 -1.57 9.86 17.75
C PHE D 211 -2.53 8.82 17.23
N ALA D 212 -2.65 8.72 15.93
CA ALA D 212 -3.65 7.86 15.29
C ALA D 212 -3.04 6.56 14.84
N ILE D 213 -3.79 5.46 15.00
CA ILE D 213 -3.41 4.19 14.40
C ILE D 213 -4.63 3.54 13.79
N ARG D 214 -4.40 2.59 12.89
CA ARG D 214 -5.50 1.82 12.31
C ARG D 214 -6.28 1.10 13.40
N LYS D 215 -7.58 0.97 13.16
CA LYS D 215 -8.48 0.15 13.98
C LYS D 215 -7.98 -1.31 14.02
N GLY D 216 -8.41 -2.03 15.04
CA GLY D 216 -8.16 -3.46 15.15
C GLY D 216 -6.74 -3.80 15.55
N ASP D 217 -6.14 -2.98 16.41
CA ASP D 217 -4.76 -3.19 16.82
C ASP D 217 -4.51 -2.75 18.25
N PRO D 218 -5.27 -3.32 19.19
CA PRO D 218 -5.20 -2.86 20.58
C PRO D 218 -3.83 -3.08 21.24
N GLU D 219 -3.06 -4.03 20.75
CA GLU D 219 -1.70 -4.23 21.27
C GLU D 219 -0.90 -2.95 21.09
N LEU D 220 -0.87 -2.44 19.87
CA LEU D 220 -0.14 -1.21 19.57
C LEU D 220 -0.71 -0.01 20.34
N LEU D 221 -2.04 0.08 20.39
CA LEU D 221 -2.70 1.19 21.09
C LEU D 221 -2.34 1.20 22.57
N ASN D 222 -2.43 0.02 23.20
CA ASN D 222 -2.06 -0.11 24.61
C ASN D 222 -0.61 0.25 24.85
N TRP D 223 0.25 -0.19 23.93
CA TRP D 223 1.66 0.06 24.04
C TRP D 223 1.90 1.57 24.03
N VAL D 224 1.35 2.23 23.02
CA VAL D 224 1.49 3.67 22.91
C VAL D 224 1.00 4.33 24.19
N ASN D 225 -0.19 3.97 24.65
CA ASN D 225 -0.74 4.60 25.85
C ASN D 225 0.14 4.33 27.05
N ASN D 226 0.67 3.12 27.18
CA ASN D 226 1.55 2.83 28.28
C ASN D 226 2.78 3.73 28.21
N TRP D 227 3.34 3.83 27.01
CA TRP D 227 4.59 4.56 26.77
C TRP D 227 4.43 6.04 27.11
N LEU D 228 3.32 6.59 26.67
CA LEU D 228 2.98 7.97 26.94
C LEU D 228 2.80 8.22 28.43
N LYS D 229 1.99 7.36 29.06
CA LYS D 229 1.80 7.37 30.52
C LYS D 229 3.14 7.44 31.25
N GLN D 230 4.07 6.59 30.84
CA GLN D 230 5.41 6.54 31.41
C GLN D 230 6.18 7.86 31.29
N MET D 231 6.10 8.52 30.15
CA MET D 231 6.86 9.76 29.92
C MET D 231 6.32 10.96 30.70
N LYS D 232 5.02 10.93 30.96
CA LYS D 232 4.40 11.95 31.81
C LYS D 232 4.73 11.73 33.28
N LYS D 233 4.96 10.48 33.65
CA LYS D 233 5.28 10.09 35.03
C LYS D 233 6.72 10.44 35.40
N ASP D 234 7.65 10.29 34.46
CA ASP D 234 9.08 10.30 34.80
C ASP D 234 9.81 11.56 34.35
N GLY D 235 9.07 12.63 34.09
CA GLY D 235 9.66 13.91 33.72
C GLY D 235 9.99 14.12 32.25
N THR D 236 10.10 13.05 31.48
CA THR D 236 10.61 13.12 30.10
C THR D 236 9.72 13.96 29.21
N TYR D 237 8.40 13.87 29.42
CA TYR D 237 7.43 14.63 28.61
C TYR D 237 7.51 16.12 28.92
N ASP D 238 7.50 16.46 30.20
CA ASP D 238 7.57 17.87 30.61
C ASP D 238 8.82 18.53 30.03
N LYS D 239 9.97 17.85 30.09
CA LYS D 239 11.23 18.41 29.55
C LYS D 239 10.99 18.77 28.08
N LEU D 240 10.30 17.88 27.40
CA LEU D 240 10.06 18.02 25.97
C LEU D 240 8.98 19.06 25.62
N TYR D 241 7.95 19.16 26.44
CA TYR D 241 6.93 20.19 26.29
C TYR D 241 7.53 21.60 26.43
N GLU D 242 8.21 21.84 27.52
CA GLU D 242 8.80 23.16 27.76
C GLU D 242 9.86 23.50 26.72
N LYS D 243 10.46 22.49 26.11
CA LYS D 243 11.44 22.69 25.06
C LYS D 243 10.83 23.29 23.81
N TRP D 244 9.61 22.89 23.47
CA TRP D 244 8.95 23.37 22.25
C TRP D 244 7.89 24.47 22.44
N PHE D 245 7.37 24.59 23.66
CA PHE D 245 6.32 25.60 23.99
C PHE D 245 6.71 26.64 25.09
N LYS D 246 8.00 26.66 25.48
CA LYS D 246 8.70 27.69 26.31
C LYS D 246 8.03 29.06 26.32
#